data_7W46
#
_entry.id   7W46
#
_cell.length_a   156.259
_cell.length_b   156.259
_cell.length_c   302.761
_cell.angle_alpha   90.000
_cell.angle_beta   90.000
_cell.angle_gamma   120.000
#
_symmetry.space_group_name_H-M   'H 3 2'
#
loop_
_entity.id
_entity.type
_entity.pdbx_description
1 polymer 'Uncharacterized ATPase YjoB'
2 non-polymer "ADENOSINE-5'-DIPHOSPHATE"
3 water water
#
_entity_poly.entity_id   1
_entity_poly.type   'polypeptide(L)'
_entity_poly.pdbx_seq_one_letter_code
;GSMTNIPFIYQYEEKENERAAAGYGTFGYLITRIEETLYDQYGVFYELYASDDPNTEYWELLVEDVRSGSLEPEHVAYIF
EKLEKKTFAYDEDEKEPDYTVHKSIRNSVYAYPEKGVAFARIPYFQDGSIMSFDCLFAVNDEKMRAFLEGVRPRLWEKSK
RKVTVFTDGDGGTSREQEAIVREVQRSQVIMNPLLKKEIYRSIDQFFHSDKSFYQTYDIPYKRGILLYGPPGNGKTTLVK
SIAGSIDAPVAYWQITEFTSSETIEEVFQAARRLAPAVLVIEDIDSMPEDVRSFFLNTLDGATSKEGLFLIGTTNYPEEI
DPGLMNRAGRFDRAYEIGLPDEELRLEYMKMRGFGIFLSEGEIKNAAKLTEGFSFAQLGELYVSSALQWHQEGNHHIETM
VKDMTGEQRKSQRGSWMERNKVGFH
;
_entity_poly.pdbx_strand_id   A,B
#
# COMPACT_ATOMS: atom_id res chain seq x y z
N ILE A 6 42.74 -10.34 -29.93
CA ILE A 6 43.63 -11.20 -29.15
C ILE A 6 44.61 -10.45 -28.18
N PRO A 7 45.27 -9.36 -28.60
CA PRO A 7 46.20 -8.70 -27.67
C PRO A 7 45.45 -8.04 -26.51
N PHE A 8 46.20 -7.79 -25.43
CA PHE A 8 45.70 -6.97 -24.33
C PHE A 8 46.51 -5.69 -24.19
N ILE A 9 45.80 -4.56 -24.20
CA ILE A 9 46.41 -3.24 -24.11
C ILE A 9 47.09 -3.09 -22.75
N TYR A 10 46.38 -3.47 -21.70
CA TYR A 10 46.86 -3.35 -20.32
C TYR A 10 47.62 -4.63 -19.96
N GLN A 11 48.91 -4.49 -19.70
CA GLN A 11 49.79 -5.62 -19.43
C GLN A 11 50.44 -5.55 -18.06
N TYR A 12 50.18 -4.51 -17.28
CA TYR A 12 50.65 -4.45 -15.91
C TYR A 12 50.07 -5.63 -15.12
N GLU A 13 50.93 -6.37 -14.44
CA GLU A 13 50.48 -7.36 -13.48
C GLU A 13 50.86 -6.89 -12.09
N GLU A 14 49.95 -7.02 -11.14
CA GLU A 14 50.12 -6.34 -9.88
C GLU A 14 50.32 -7.32 -8.73
N LYS A 15 51.01 -6.82 -7.70
CA LYS A 15 51.16 -7.52 -6.43
C LYS A 15 49.79 -7.75 -5.79
N GLU A 16 49.68 -8.86 -5.06
CA GLU A 16 48.37 -9.21 -4.51
C GLU A 16 47.93 -8.30 -3.38
N ASN A 17 48.82 -7.49 -2.80
CA ASN A 17 48.35 -6.51 -1.82
C ASN A 17 47.40 -5.51 -2.44
N GLU A 18 47.37 -5.42 -3.78
CA GLU A 18 46.55 -4.46 -4.49
C GLU A 18 45.27 -5.08 -5.05
N ARG A 19 45.04 -6.37 -4.77
CA ARG A 19 43.73 -6.97 -4.98
C ARG A 19 42.80 -6.72 -3.81
N ALA A 20 43.30 -6.10 -2.74
CA ALA A 20 42.50 -5.82 -1.55
C ALA A 20 41.32 -4.92 -1.88
N ALA A 21 40.18 -5.19 -1.26
CA ALA A 21 38.95 -4.48 -1.54
C ALA A 21 38.77 -3.33 -0.58
N ALA A 22 38.54 -2.14 -1.14
CA ALA A 22 38.43 -0.93 -0.33
C ALA A 22 37.31 -1.06 0.69
N GLY A 23 37.60 -0.65 1.92
CA GLY A 23 36.59 -0.64 2.96
C GLY A 23 36.33 -1.98 3.59
N TYR A 24 36.63 -3.07 2.88
CA TYR A 24 36.28 -4.40 3.38
C TYR A 24 37.07 -4.79 4.61
N GLY A 25 38.30 -4.30 4.73
CA GLY A 25 39.14 -4.69 5.86
C GLY A 25 38.59 -4.21 7.20
N THR A 26 38.17 -2.95 7.27
CA THR A 26 37.48 -2.49 8.47
C THR A 26 36.16 -3.22 8.65
N PHE A 27 35.35 -3.29 7.61
CA PHE A 27 33.99 -3.78 7.78
C PHE A 27 33.97 -5.25 8.18
N GLY A 28 34.69 -6.10 7.42
CA GLY A 28 34.76 -7.50 7.79
C GLY A 28 35.36 -7.71 9.17
N TYR A 29 36.24 -6.81 9.60
CA TYR A 29 36.80 -6.96 10.93
C TYR A 29 35.73 -6.69 11.99
N LEU A 30 34.91 -5.67 11.77
CA LEU A 30 33.86 -5.37 12.73
C LEU A 30 32.78 -6.45 12.74
N ILE A 31 32.39 -6.97 11.58
CA ILE A 31 31.39 -8.02 11.57
C ILE A 31 31.90 -9.26 12.28
N THR A 32 33.15 -9.65 12.02
CA THR A 32 33.76 -10.77 12.75
C THR A 32 33.69 -10.55 14.26
N ARG A 33 34.02 -9.34 14.71
CA ARG A 33 34.07 -9.06 16.14
C ARG A 33 32.67 -9.07 16.75
N ILE A 34 31.68 -8.54 16.02
CA ILE A 34 30.32 -8.52 16.53
C ILE A 34 29.82 -9.94 16.70
N GLU A 35 30.06 -10.79 15.69
CA GLU A 35 29.74 -12.21 15.80
C GLU A 35 30.49 -12.87 16.96
N GLU A 36 31.79 -12.62 17.09
CA GLU A 36 32.54 -13.21 18.20
C GLU A 36 31.97 -12.76 19.55
N THR A 37 31.61 -11.48 19.67
CA THR A 37 31.16 -10.97 20.95
C THR A 37 29.81 -11.54 21.34
N LEU A 38 28.91 -11.67 20.36
CA LEU A 38 27.61 -12.30 20.60
C LEU A 38 27.76 -13.77 21.01
N TYR A 39 28.67 -14.51 20.34
CA TYR A 39 29.00 -15.86 20.76
C TYR A 39 29.50 -15.89 22.20
N ASP A 40 30.48 -15.04 22.51
CA ASP A 40 31.00 -14.95 23.87
C ASP A 40 29.91 -14.76 24.91
N GLN A 41 28.82 -14.08 24.56
CA GLN A 41 27.78 -13.72 25.52
C GLN A 41 26.59 -14.66 25.51
N TYR A 42 26.28 -15.30 24.38
CA TYR A 42 25.08 -16.10 24.25
C TYR A 42 25.34 -17.52 23.78
N GLY A 43 26.58 -17.88 23.50
CA GLY A 43 26.86 -19.25 23.13
C GLY A 43 26.26 -19.71 21.83
N VAL A 44 25.73 -18.81 21.00
CA VAL A 44 25.20 -19.16 19.69
C VAL A 44 25.93 -18.34 18.64
N PHE A 45 25.75 -18.71 17.37
CA PHE A 45 26.39 -18.05 16.23
C PHE A 45 25.38 -17.18 15.49
N TYR A 46 25.55 -15.88 15.56
CA TYR A 46 24.76 -14.96 14.76
C TYR A 46 25.43 -14.73 13.41
N GLU A 47 24.61 -14.56 12.38
CA GLU A 47 24.97 -14.42 10.98
C GLU A 47 24.42 -13.09 10.48
N LEU A 48 25.13 -12.46 9.57
CA LEU A 48 24.66 -11.20 9.00
C LEU A 48 23.51 -11.47 8.03
N TYR A 49 22.37 -10.78 8.23
CA TYR A 49 21.23 -10.85 7.32
C TYR A 49 20.97 -9.57 6.55
N ALA A 50 21.55 -8.44 6.96
CA ALA A 50 21.40 -7.17 6.25
C ALA A 50 22.62 -6.32 6.54
N SER A 51 23.32 -5.87 5.48
CA SER A 51 24.58 -5.13 5.63
C SER A 51 24.33 -3.65 5.90
N ASP A 52 23.35 -3.05 5.21
CA ASP A 52 22.95 -1.67 5.49
C ASP A 52 21.44 -1.65 5.33
N ASP A 53 20.75 -2.03 6.39
CA ASP A 53 19.34 -2.36 6.30
C ASP A 53 18.53 -1.11 5.94
N PRO A 54 17.79 -1.12 4.84
CA PRO A 54 16.93 0.04 4.54
C PRO A 54 15.64 0.06 5.36
N ASN A 55 15.23 -1.05 5.95
CA ASN A 55 13.98 -1.07 6.71
C ASN A 55 14.09 -0.19 7.93
N THR A 56 13.04 0.59 8.19
CA THR A 56 13.06 1.45 9.35
C THR A 56 12.22 0.94 10.50
N GLU A 57 11.23 0.08 10.23
CA GLU A 57 10.17 -0.17 11.22
C GLU A 57 10.72 -0.82 12.48
N TYR A 58 11.40 -1.97 12.34
CA TYR A 58 11.90 -2.65 13.53
C TYR A 58 13.14 -1.97 14.11
N TRP A 59 13.79 -1.09 13.34
CA TRP A 59 14.84 -0.27 13.95
C TRP A 59 14.25 0.77 14.87
N GLU A 60 13.07 1.28 14.54
CA GLU A 60 12.41 2.23 15.41
C GLU A 60 11.78 1.55 16.62
N LEU A 61 11.39 0.27 16.48
CA LEU A 61 11.02 -0.49 17.67
C LEU A 61 12.23 -0.72 18.57
N LEU A 62 13.39 -1.01 18.00
CA LEU A 62 14.61 -1.15 18.81
C LEU A 62 14.85 0.10 19.65
N VAL A 63 14.77 1.28 19.01
CA VAL A 63 15.08 2.53 19.70
C VAL A 63 14.05 2.79 20.81
N GLU A 64 12.77 2.57 20.51
CA GLU A 64 11.74 2.73 21.52
C GLU A 64 11.90 1.70 22.64
N ASP A 65 12.33 0.49 22.29
CA ASP A 65 12.56 -0.53 23.31
C ASP A 65 13.67 -0.12 24.26
N VAL A 66 14.77 0.41 23.72
CA VAL A 66 15.86 0.90 24.56
C VAL A 66 15.42 2.16 25.31
N ARG A 67 14.84 3.13 24.59
CA ARG A 67 14.36 4.37 25.19
C ARG A 67 13.49 4.09 26.41
N SER A 68 12.58 3.13 26.30
CA SER A 68 11.57 2.85 27.30
C SER A 68 12.04 1.89 28.40
N GLY A 69 13.32 1.53 28.42
CA GLY A 69 13.82 0.69 29.51
C GLY A 69 13.24 -0.71 29.49
N SER A 70 12.62 -1.07 28.38
CA SER A 70 12.16 -2.43 28.21
C SER A 70 13.28 -3.42 28.47
N LEU A 71 12.92 -4.60 28.96
CA LEU A 71 13.93 -5.60 29.26
C LEU A 71 14.35 -6.38 28.03
N GLU A 72 13.56 -6.37 26.98
CA GLU A 72 13.65 -7.40 25.97
C GLU A 72 14.92 -7.26 25.15
N PRO A 73 15.42 -6.00 24.76
CA PRO A 73 16.73 -5.92 24.07
C PRO A 73 17.88 -5.62 25.02
N GLU A 74 18.96 -6.40 24.96
CA GLU A 74 20.09 -6.26 25.89
C GLU A 74 21.27 -5.58 25.21
N HIS A 75 21.88 -4.62 25.89
CA HIS A 75 23.08 -3.99 25.36
C HIS A 75 24.25 -4.97 25.44
N VAL A 76 24.86 -5.25 24.30
CA VAL A 76 25.89 -6.26 24.22
C VAL A 76 27.28 -5.65 24.22
N ALA A 77 27.48 -4.58 23.46
CA ALA A 77 28.83 -4.07 23.28
C ALA A 77 28.74 -2.67 22.67
N TYR A 78 29.80 -1.89 22.87
CA TYR A 78 30.00 -0.66 22.12
C TYR A 78 30.97 -0.95 20.98
N ILE A 79 30.80 -0.22 19.89
CA ILE A 79 31.67 -0.50 18.76
C ILE A 79 33.01 0.21 18.96
N PHE A 80 33.01 1.54 18.94
CA PHE A 80 34.24 2.32 19.10
C PHE A 80 34.31 2.89 20.50
N GLU A 81 35.49 2.80 21.10
CA GLU A 81 35.63 3.21 22.50
C GLU A 81 35.38 4.69 22.69
N LYS A 82 35.74 5.52 21.72
CA LYS A 82 35.67 6.98 21.87
C LYS A 82 34.52 7.62 21.08
N LEU A 83 33.53 6.84 20.65
CA LEU A 83 32.31 7.42 20.12
C LEU A 83 31.27 7.36 21.22
N GLU A 84 30.04 7.79 20.91
CA GLU A 84 29.08 8.02 21.97
C GLU A 84 28.67 6.69 22.63
N LYS A 85 28.56 6.72 23.95
CA LYS A 85 27.99 5.62 24.71
C LYS A 85 26.60 5.94 25.20
N LYS A 86 26.18 7.20 25.06
CA LYS A 86 24.88 7.66 25.51
C LYS A 86 24.24 8.52 24.42
N THR A 87 22.95 8.76 24.59
CA THR A 87 22.20 9.57 23.64
C THR A 87 20.90 9.96 24.34
N PHE A 88 20.14 10.83 23.69
CA PHE A 88 18.85 11.23 24.23
C PHE A 88 17.83 11.42 23.10
N ALA A 89 16.56 11.22 23.45
CA ALA A 89 15.49 11.29 22.46
C ALA A 89 15.27 12.71 21.96
N TYR A 90 15.68 13.72 22.73
CA TYR A 90 15.28 15.11 22.51
C TYR A 90 15.66 15.61 21.12
N ASP A 91 14.64 15.80 20.29
CA ASP A 91 14.80 16.49 19.02
C ASP A 91 13.91 17.72 19.07
N GLU A 92 14.50 18.87 18.75
CA GLU A 92 13.77 20.12 18.85
C GLU A 92 12.71 20.30 17.77
N ASP A 93 12.70 19.46 16.73
CA ASP A 93 11.73 19.55 15.65
C ASP A 93 10.45 18.78 15.90
N GLU A 94 10.37 18.02 16.99
CA GLU A 94 9.15 17.31 17.32
C GLU A 94 8.24 18.15 18.18
N LYS A 95 6.93 17.98 17.98
CA LYS A 95 5.95 18.69 18.77
C LYS A 95 6.12 18.38 20.26
N GLU A 96 6.08 17.11 20.61
CA GLU A 96 6.20 16.70 21.99
C GLU A 96 7.65 16.35 22.29
N PRO A 97 8.33 17.07 23.18
CA PRO A 97 9.74 16.77 23.45
C PRO A 97 9.88 15.57 24.35
N ASP A 98 10.86 14.73 24.04
CA ASP A 98 11.22 13.59 24.87
C ASP A 98 12.64 13.80 25.37
N TYR A 99 12.80 13.92 26.70
CA TYR A 99 14.10 14.19 27.30
C TYR A 99 14.75 12.94 27.89
N THR A 100 14.34 11.76 27.46
CA THR A 100 14.88 10.54 28.04
C THR A 100 16.34 10.36 27.63
N VAL A 101 17.19 9.98 28.59
CA VAL A 101 18.59 9.69 28.36
C VAL A 101 18.81 8.19 28.52
N HIS A 102 19.49 7.58 27.57
CA HIS A 102 19.70 6.13 27.57
C HIS A 102 20.98 5.81 26.83
N LYS A 103 21.32 4.53 26.76
CA LYS A 103 22.51 4.10 26.02
C LYS A 103 22.35 4.40 24.54
N SER A 104 23.47 4.71 23.90
CA SER A 104 23.41 5.07 22.49
C SER A 104 22.91 3.90 21.65
N ILE A 105 22.35 4.24 20.49
CA ILE A 105 21.99 3.23 19.49
C ILE A 105 23.15 3.14 18.52
N ARG A 106 23.44 4.26 17.85
CA ARG A 106 24.67 4.34 17.07
C ARG A 106 25.85 4.06 17.99
N ASN A 107 26.79 3.25 17.50
CA ASN A 107 27.97 2.79 18.22
C ASN A 107 27.68 1.63 19.19
N SER A 108 26.52 0.95 19.06
CA SER A 108 26.17 -0.15 19.97
C SER A 108 25.68 -1.40 19.24
N VAL A 109 25.77 -2.51 19.96
CA VAL A 109 25.26 -3.80 19.55
C VAL A 109 24.18 -4.17 20.55
N TYR A 110 22.97 -4.45 20.06
CA TYR A 110 21.88 -4.97 20.88
C TYR A 110 21.44 -6.34 20.38
N ALA A 111 20.95 -7.17 21.30
CA ALA A 111 20.36 -8.44 20.92
C ALA A 111 19.03 -8.63 21.62
N TYR A 112 18.06 -9.14 20.87
CA TYR A 112 16.93 -9.82 21.47
C TYR A 112 17.27 -11.30 21.59
N PRO A 113 17.77 -11.74 22.75
CA PRO A 113 18.29 -13.13 22.85
C PRO A 113 17.24 -14.20 22.64
N GLU A 114 16.08 -14.05 23.24
CA GLU A 114 15.01 -15.01 23.07
C GLU A 114 14.57 -15.08 21.61
N LYS A 115 14.45 -13.91 20.97
CA LYS A 115 14.10 -13.83 19.55
C LYS A 115 15.24 -14.30 18.66
N GLY A 116 16.48 -14.24 19.15
CA GLY A 116 17.62 -14.65 18.34
C GLY A 116 17.96 -13.70 17.20
N VAL A 117 17.71 -12.40 17.36
CA VAL A 117 18.17 -11.43 16.38
C VAL A 117 18.85 -10.27 17.12
N ALA A 118 19.78 -9.62 16.43
CA ALA A 118 20.65 -8.63 17.03
C ALA A 118 20.93 -7.51 16.03
N PHE A 119 21.15 -6.31 16.56
CA PHE A 119 21.27 -5.10 15.78
C PHE A 119 22.59 -4.41 16.09
N ALA A 120 23.23 -3.87 15.06
CA ALA A 120 24.43 -3.06 15.25
C ALA A 120 24.39 -1.87 14.32
N ARG A 121 24.49 -0.65 14.89
CA ARG A 121 24.69 0.61 14.14
C ARG A 121 26.16 0.93 14.16
N ILE A 122 26.86 0.64 13.06
CA ILE A 122 28.30 0.82 12.97
C ILE A 122 28.57 2.25 12.48
N PRO A 123 29.18 3.11 13.31
CA PRO A 123 29.48 4.48 12.85
C PRO A 123 30.56 4.46 11.79
N TYR A 124 30.58 5.51 10.98
CA TYR A 124 31.71 5.75 10.08
C TYR A 124 31.70 7.20 9.62
N PHE A 125 32.90 7.68 9.29
CA PHE A 125 33.12 9.05 8.85
C PHE A 125 33.16 9.07 7.32
N GLN A 126 32.28 9.86 6.72
CA GLN A 126 32.38 10.14 5.29
C GLN A 126 31.74 11.49 5.04
N ASP A 127 32.49 12.33 4.31
CA ASP A 127 32.07 13.68 3.93
C ASP A 127 31.86 14.55 5.16
N GLY A 128 32.67 14.28 6.19
CA GLY A 128 32.60 15.04 7.43
C GLY A 128 31.23 15.13 8.07
N SER A 129 30.45 14.06 7.97
CA SER A 129 29.34 13.83 8.86
C SER A 129 29.52 12.42 9.41
N ILE A 130 28.84 12.13 10.50
CA ILE A 130 28.88 10.79 11.07
C ILE A 130 27.63 10.06 10.64
N MET A 131 27.83 8.95 9.93
CA MET A 131 26.78 8.06 9.44
C MET A 131 26.93 6.69 10.10
N SER A 132 26.07 5.75 9.68
CA SER A 132 26.14 4.39 10.20
C SER A 132 25.64 3.40 9.16
N PHE A 133 26.24 2.21 9.17
CA PHE A 133 25.65 1.03 8.58
C PHE A 133 24.73 0.40 9.61
N ASP A 134 23.48 0.13 9.21
CA ASP A 134 22.55 -0.62 10.05
C ASP A 134 22.71 -2.09 9.69
N CYS A 135 23.20 -2.89 10.63
CA CYS A 135 23.50 -4.29 10.41
C CYS A 135 22.59 -5.15 11.26
N LEU A 136 22.04 -6.20 10.65
CA LEU A 136 21.06 -7.06 11.31
C LEU A 136 21.53 -8.50 11.29
N PHE A 137 21.51 -9.14 12.46
CA PHE A 137 21.97 -10.52 12.63
C PHE A 137 20.85 -11.40 13.19
N ALA A 138 20.94 -12.69 12.92
CA ALA A 138 20.00 -13.68 13.47
C ALA A 138 20.72 -15.00 13.68
N VAL A 139 20.15 -15.85 14.54
CA VAL A 139 20.78 -17.15 14.76
C VAL A 139 20.46 -18.15 13.64
N ASN A 140 19.32 -18.02 12.97
CA ASN A 140 18.98 -18.91 11.85
C ASN A 140 17.79 -18.31 11.09
N ASP A 141 17.43 -18.96 9.97
CA ASP A 141 16.39 -18.40 9.08
C ASP A 141 15.03 -18.36 9.76
N GLU A 142 14.73 -19.40 10.54
CA GLU A 142 13.41 -19.50 11.15
C GLU A 142 13.21 -18.39 12.19
N LYS A 143 14.22 -18.12 13.01
CA LYS A 143 14.10 -17.01 13.96
C LYS A 143 14.08 -15.68 13.25
N MET A 144 14.84 -15.54 12.15
CA MET A 144 14.81 -14.29 11.43
C MET A 144 13.40 -14.01 10.94
N ARG A 145 12.79 -15.02 10.33
CA ARG A 145 11.43 -14.89 9.82
C ARG A 145 10.42 -14.65 10.92
N ALA A 146 10.52 -15.34 12.06
CA ALA A 146 9.56 -15.13 13.13
C ALA A 146 9.66 -13.72 13.69
N PHE A 147 10.89 -13.21 13.76
CA PHE A 147 11.07 -11.82 14.16
C PHE A 147 10.36 -10.87 13.21
N LEU A 148 10.58 -11.06 11.90
CA LEU A 148 9.94 -10.18 10.93
C LEU A 148 8.43 -10.25 11.01
N GLU A 149 7.88 -11.47 11.10
CA GLU A 149 6.44 -11.65 11.24
C GLU A 149 5.89 -11.02 12.52
N GLY A 150 6.71 -10.84 13.55
CA GLY A 150 6.24 -10.19 14.75
C GLY A 150 6.21 -8.68 14.70
N VAL A 151 6.75 -8.05 13.65
CA VAL A 151 6.92 -6.61 13.65
C VAL A 151 5.57 -5.89 13.56
N ARG A 152 4.78 -6.20 12.53
CA ARG A 152 3.51 -5.49 12.37
C ARG A 152 2.61 -5.69 13.58
N PRO A 153 2.52 -6.88 14.18
CA PRO A 153 1.72 -6.98 15.41
C PRO A 153 2.21 -6.07 16.54
N ARG A 154 3.52 -5.89 16.70
CA ARG A 154 3.98 -4.99 17.75
C ARG A 154 3.65 -3.54 17.38
N LEU A 155 3.83 -3.18 16.11
CA LEU A 155 3.46 -1.85 15.65
C LEU A 155 1.98 -1.56 15.91
N TRP A 156 1.13 -2.59 15.74
CA TRP A 156 -0.30 -2.41 15.92
C TRP A 156 -0.65 -2.09 17.37
N GLU A 157 -0.03 -2.78 18.33
CA GLU A 157 -0.33 -2.48 19.72
C GLU A 157 0.17 -1.10 20.09
N LYS A 158 1.40 -0.77 19.69
CA LYS A 158 1.93 0.56 19.95
C LYS A 158 1.01 1.66 19.43
N SER A 159 0.41 1.45 18.26
CA SER A 159 -0.41 2.50 17.67
C SER A 159 -1.83 2.56 18.22
N LYS A 160 -2.32 1.46 18.84
CA LYS A 160 -3.55 1.56 19.62
C LYS A 160 -3.47 2.70 20.63
N ARG A 161 -2.31 2.87 21.26
CA ARG A 161 -2.10 3.89 22.27
C ARG A 161 -1.77 5.26 21.69
N LYS A 162 -2.00 5.50 20.41
CA LYS A 162 -1.63 6.77 19.80
C LYS A 162 -2.65 7.16 18.74
N VAL A 163 -2.62 8.41 18.34
CA VAL A 163 -3.34 8.88 17.17
C VAL A 163 -2.31 9.33 16.16
N THR A 164 -2.40 8.81 14.95
CA THR A 164 -1.45 9.11 13.88
C THR A 164 -2.08 10.09 12.90
N VAL A 165 -1.47 11.26 12.73
CA VAL A 165 -2.02 12.28 11.84
C VAL A 165 -1.12 12.40 10.61
N PHE A 166 -1.74 12.30 9.45
CA PHE A 166 -1.06 12.48 8.17
C PHE A 166 -1.50 13.81 7.61
N THR A 167 -0.53 14.68 7.32
CA THR A 167 -0.87 15.97 6.73
C THR A 167 -0.20 16.08 5.38
N ASP A 168 -0.99 16.27 4.34
CA ASP A 168 -0.44 16.31 2.99
C ASP A 168 0.33 17.61 2.75
N GLY A 169 1.60 17.48 2.36
CA GLY A 169 2.42 18.61 1.99
C GLY A 169 2.94 18.49 0.57
N ASP A 170 3.79 19.46 0.20
CA ASP A 170 4.28 19.54 -1.18
C ASP A 170 5.21 18.38 -1.55
N GLY A 171 6.05 17.93 -0.62
CA GLY A 171 6.84 16.73 -0.86
C GLY A 171 6.00 15.46 -0.81
N GLY A 172 5.03 15.44 0.08
CA GLY A 172 4.24 14.24 0.34
C GLY A 172 3.56 14.43 1.69
N THR A 173 3.00 13.33 2.19
CA THR A 173 2.29 13.39 3.45
C THR A 173 3.28 13.26 4.61
N SER A 174 3.01 13.97 5.71
CA SER A 174 3.87 13.92 6.88
C SER A 174 3.11 13.25 8.01
N ARG A 175 3.75 12.25 8.62
CA ARG A 175 3.17 11.44 9.68
C ARG A 175 3.68 11.92 11.02
N GLU A 176 2.77 12.31 11.91
CA GLU A 176 3.09 12.68 13.28
C GLU A 176 2.26 11.83 14.23
N GLN A 177 2.89 11.27 15.26
CA GLN A 177 2.16 10.52 16.27
C GLN A 177 1.83 11.41 17.47
N GLU A 178 0.73 11.08 18.13
CA GLU A 178 0.22 11.84 19.26
C GLU A 178 -0.16 10.88 20.38
N ALA A 179 0.10 11.29 21.63
CA ALA A 179 -0.39 10.54 22.77
C ALA A 179 -1.89 10.76 22.96
N ILE A 180 -2.60 9.71 23.37
CA ILE A 180 -4.04 9.79 23.64
C ILE A 180 -4.19 10.34 25.05
N VAL A 181 -4.41 11.67 25.16
CA VAL A 181 -4.60 12.31 26.47
C VAL A 181 -6.07 12.33 26.88
N ARG A 182 -6.99 12.21 25.92
CA ARG A 182 -8.41 12.05 26.18
C ARG A 182 -8.80 10.61 25.83
N GLU A 183 -9.11 9.82 26.86
CA GLU A 183 -9.79 8.56 26.66
C GLU A 183 -11.29 8.81 26.54
N VAL A 184 -11.91 8.32 25.48
CA VAL A 184 -13.34 8.51 25.25
C VAL A 184 -14.03 7.15 25.35
N GLN A 185 -14.97 7.05 26.28
CA GLN A 185 -15.82 5.88 26.39
C GLN A 185 -17.08 6.10 25.55
N ARG A 186 -17.74 4.99 25.19
CA ARG A 186 -18.87 5.08 24.28
C ARG A 186 -20.02 5.92 24.86
N SER A 187 -20.13 6.00 26.18
CA SER A 187 -21.24 6.74 26.78
C SER A 187 -21.09 8.24 26.61
N GLN A 188 -19.91 8.72 26.23
CA GLN A 188 -19.68 10.15 26.03
C GLN A 188 -19.87 10.58 24.59
N VAL A 189 -20.26 9.66 23.71
CA VAL A 189 -20.50 9.97 22.31
C VAL A 189 -21.94 10.49 22.23
N ILE A 190 -22.10 11.80 22.23
CA ILE A 190 -23.41 12.44 22.23
C ILE A 190 -23.94 12.44 20.81
N MET A 191 -25.07 11.77 20.59
CA MET A 191 -25.45 11.45 19.22
C MET A 191 -26.85 10.83 19.23
N ASN A 192 -27.54 10.98 18.11
CA ASN A 192 -28.82 10.34 17.93
C ASN A 192 -28.72 8.85 18.27
N PRO A 193 -29.42 8.38 19.30
CA PRO A 193 -29.18 7.02 19.81
C PRO A 193 -29.56 5.90 18.85
N LEU A 194 -30.37 6.15 17.83
CA LEU A 194 -30.64 5.07 16.89
C LEU A 194 -29.49 4.89 15.89
N LEU A 195 -28.89 5.99 15.41
CA LEU A 195 -27.75 5.81 14.52
C LEU A 195 -26.49 5.42 15.29
N LYS A 196 -26.32 5.96 16.51
CA LYS A 196 -25.30 5.44 17.40
C LYS A 196 -25.37 3.92 17.47
N LYS A 197 -26.58 3.37 17.61
CA LYS A 197 -26.75 1.92 17.67
C LYS A 197 -26.40 1.29 16.32
N GLU A 198 -26.87 1.88 15.22
CA GLU A 198 -26.64 1.27 13.92
C GLU A 198 -25.16 1.29 13.54
N ILE A 199 -24.48 2.42 13.79
CA ILE A 199 -23.10 2.54 13.34
C ILE A 199 -22.19 1.64 14.17
N TYR A 200 -22.40 1.62 15.48
CA TYR A 200 -21.61 0.75 16.34
C TYR A 200 -21.86 -0.73 16.07
N ARG A 201 -22.98 -1.07 15.43
CA ARG A 201 -23.16 -2.43 14.95
C ARG A 201 -22.01 -2.82 14.04
N SER A 202 -21.67 -1.97 13.07
CA SER A 202 -20.55 -2.25 12.18
C SER A 202 -19.22 -2.12 12.89
N ILE A 203 -19.08 -1.08 13.72
CA ILE A 203 -17.81 -0.84 14.40
C ILE A 203 -17.43 -2.03 15.26
N ASP A 204 -18.38 -2.53 16.06
CA ASP A 204 -18.07 -3.60 17.00
C ASP A 204 -17.77 -4.89 16.26
N GLN A 205 -18.50 -5.18 15.18
CA GLN A 205 -18.11 -6.34 14.38
C GLN A 205 -16.69 -6.20 13.87
N PHE A 206 -16.33 -4.99 13.42
CA PHE A 206 -15.08 -4.79 12.69
C PHE A 206 -13.88 -4.84 13.63
N PHE A 207 -14.00 -4.30 14.83
CA PHE A 207 -12.85 -4.11 15.69
C PHE A 207 -12.91 -4.88 17.00
N HIS A 208 -14.11 -5.20 17.50
CA HIS A 208 -14.28 -5.62 18.89
C HIS A 208 -14.89 -6.99 19.00
N SER A 209 -14.87 -7.77 17.93
CA SER A 209 -15.43 -9.10 17.97
C SER A 209 -14.43 -10.05 17.33
N ASP A 210 -14.86 -11.29 17.22
CA ASP A 210 -14.13 -12.29 16.46
C ASP A 210 -14.28 -12.00 14.96
N LYS A 211 -13.20 -12.16 14.22
CA LYS A 211 -13.34 -11.74 12.83
C LYS A 211 -13.93 -12.84 11.95
N SER A 212 -14.38 -13.95 12.52
CA SER A 212 -14.93 -15.03 11.71
C SER A 212 -16.20 -14.61 10.97
N PHE A 213 -16.94 -13.65 11.52
CA PHE A 213 -18.14 -13.14 10.86
C PHE A 213 -17.91 -12.86 9.37
N TYR A 214 -16.83 -12.14 9.05
CA TYR A 214 -16.62 -11.75 7.66
C TYR A 214 -16.43 -12.96 6.76
N GLN A 215 -15.87 -14.03 7.31
CA GLN A 215 -15.70 -15.27 6.53
C GLN A 215 -17.02 -16.02 6.40
N THR A 216 -17.80 -16.08 7.48
CA THR A 216 -19.06 -16.81 7.49
C THR A 216 -20.02 -16.28 6.43
N TYR A 217 -20.27 -14.97 6.41
CA TYR A 217 -21.23 -14.37 5.49
C TYR A 217 -20.56 -13.90 4.21
N ASP A 218 -19.25 -14.16 4.07
CA ASP A 218 -18.44 -13.77 2.93
C ASP A 218 -18.62 -12.28 2.58
N ILE A 219 -18.08 -11.44 3.46
CA ILE A 219 -18.29 -10.00 3.39
C ILE A 219 -16.91 -9.31 3.39
N PRO A 220 -16.69 -8.36 2.48
CA PRO A 220 -15.37 -7.68 2.43
C PRO A 220 -15.08 -6.94 3.72
N TYR A 221 -13.83 -7.07 4.17
CA TYR A 221 -13.42 -6.56 5.47
C TYR A 221 -12.97 -5.11 5.32
N LYS A 222 -13.93 -4.28 5.00
CA LYS A 222 -13.72 -2.85 4.86
C LYS A 222 -15.08 -2.19 5.02
N ARG A 223 -15.06 -0.94 5.46
CA ARG A 223 -16.27 -0.15 5.52
C ARG A 223 -15.87 1.32 5.41
N GLY A 224 -16.77 2.11 4.86
CA GLY A 224 -16.60 3.53 4.73
C GLY A 224 -17.93 4.22 4.91
N ILE A 225 -18.03 5.09 5.91
CA ILE A 225 -19.27 5.83 6.14
C ILE A 225 -18.98 7.32 6.09
N LEU A 226 -20.02 8.09 5.79
CA LEU A 226 -19.94 9.53 5.64
C LEU A 226 -20.95 10.19 6.57
N LEU A 227 -20.48 11.18 7.32
CA LEU A 227 -21.32 11.96 8.23
C LEU A 227 -21.48 13.36 7.65
N TYR A 228 -22.72 13.75 7.39
CA TYR A 228 -23.01 15.02 6.74
C TYR A 228 -24.14 15.74 7.47
N GLY A 229 -24.30 17.02 7.14
CA GLY A 229 -25.31 17.85 7.73
C GLY A 229 -24.92 19.31 7.65
N PRO A 230 -25.75 20.18 8.23
CA PRO A 230 -25.46 21.61 8.24
C PRO A 230 -24.15 21.90 8.95
N PRO A 231 -23.52 23.04 8.66
CA PRO A 231 -22.34 23.45 9.44
C PRO A 231 -22.70 23.72 10.91
N GLY A 232 -21.70 23.57 11.77
CA GLY A 232 -21.86 23.87 13.17
C GLY A 232 -22.48 22.78 14.02
N ASN A 233 -23.02 21.71 13.41
CA ASN A 233 -23.55 20.59 14.16
C ASN A 233 -22.45 19.63 14.72
N GLY A 234 -21.21 20.08 14.84
CA GLY A 234 -20.20 19.36 15.61
C GLY A 234 -19.73 18.05 15.01
N LYS A 235 -19.73 17.93 13.68
CA LYS A 235 -19.40 16.67 13.00
C LYS A 235 -17.98 16.20 13.33
N THR A 236 -16.99 17.09 13.18
CA THR A 236 -15.62 16.68 13.45
C THR A 236 -15.44 16.28 14.91
N THR A 237 -16.07 17.01 15.83
CA THR A 237 -15.98 16.61 17.23
C THR A 237 -16.66 15.28 17.48
N LEU A 238 -17.70 14.94 16.70
CA LEU A 238 -18.37 13.67 16.88
C LEU A 238 -17.51 12.50 16.39
N VAL A 239 -16.86 12.68 15.22
CA VAL A 239 -16.03 11.62 14.66
C VAL A 239 -14.85 11.31 15.56
N LYS A 240 -14.21 12.35 16.12
CA LYS A 240 -13.10 12.13 17.05
C LYS A 240 -13.58 11.45 18.32
N SER A 241 -14.84 11.65 18.69
CA SER A 241 -15.42 10.93 19.82
C SER A 241 -15.59 9.47 19.48
N ILE A 242 -16.14 9.17 18.32
CA ILE A 242 -16.33 7.78 17.96
C ILE A 242 -14.97 7.11 17.77
N ALA A 243 -14.05 7.78 17.08
CA ALA A 243 -12.74 7.20 16.83
C ALA A 243 -12.04 6.84 18.12
N GLY A 244 -12.18 7.68 19.16
CA GLY A 244 -11.51 7.45 20.42
C GLY A 244 -12.10 6.35 21.27
N SER A 245 -13.23 5.80 20.88
CA SER A 245 -13.84 4.69 21.58
C SER A 245 -13.50 3.33 20.98
N ILE A 246 -12.75 3.32 19.88
CA ILE A 246 -12.43 2.10 19.16
C ILE A 246 -11.08 1.59 19.65
N ASP A 247 -10.99 0.28 19.91
CA ASP A 247 -9.75 -0.32 20.40
C ASP A 247 -8.95 -0.82 19.20
N ALA A 248 -8.30 0.11 18.55
CA ALA A 248 -7.55 -0.10 17.32
C ALA A 248 -6.84 1.21 17.01
N PRO A 249 -5.73 1.17 16.26
CA PRO A 249 -5.05 2.42 15.92
C PRO A 249 -5.96 3.33 15.13
N VAL A 250 -5.90 4.62 15.48
CA VAL A 250 -6.69 5.66 14.83
C VAL A 250 -5.74 6.54 14.05
N ALA A 251 -6.09 6.82 12.79
CA ALA A 251 -5.33 7.72 11.94
C ALA A 251 -6.22 8.83 11.44
N TYR A 252 -5.71 10.08 11.46
CA TYR A 252 -6.39 11.20 10.83
C TYR A 252 -5.64 11.62 9.58
N TRP A 253 -6.41 11.92 8.54
CA TRP A 253 -5.89 12.38 7.27
C TRP A 253 -6.43 13.78 6.99
N GLN A 254 -5.52 14.75 6.93
CA GLN A 254 -5.88 16.14 6.69
C GLN A 254 -5.66 16.46 5.22
N ILE A 255 -6.79 16.56 4.48
CA ILE A 255 -6.73 17.12 3.13
C ILE A 255 -6.19 18.53 3.19
N THR A 256 -5.31 18.86 2.27
CA THR A 256 -4.84 20.23 2.18
C THR A 256 -4.88 20.65 0.73
N GLU A 257 -4.32 21.81 0.43
CA GLU A 257 -4.17 22.22 -0.95
C GLU A 257 -3.10 21.40 -1.68
N PHE A 258 -2.26 20.68 -0.94
CA PHE A 258 -1.22 19.84 -1.51
C PHE A 258 -1.68 18.41 -1.77
N THR A 259 -2.96 18.11 -1.55
CA THR A 259 -3.44 16.74 -1.73
C THR A 259 -3.46 16.36 -3.22
N SER A 260 -2.78 15.28 -3.55
CA SER A 260 -2.72 14.74 -4.90
C SER A 260 -3.03 13.25 -4.85
N SER A 261 -3.13 12.63 -6.04
CA SER A 261 -3.22 11.18 -6.07
C SER A 261 -1.99 10.53 -5.48
N GLU A 262 -0.86 11.25 -5.42
CA GLU A 262 0.32 10.68 -4.79
C GLU A 262 0.19 10.64 -3.26
N THR A 263 -0.33 11.72 -2.64
CA THR A 263 -0.52 11.70 -1.18
C THR A 263 -1.63 10.74 -0.78
N ILE A 264 -2.65 10.59 -1.62
CA ILE A 264 -3.70 9.61 -1.33
C ILE A 264 -3.11 8.21 -1.20
N GLU A 265 -2.35 7.76 -2.21
CA GLU A 265 -1.80 6.42 -2.16
C GLU A 265 -0.87 6.24 -0.96
N GLU A 266 -0.07 7.25 -0.68
CA GLU A 266 0.82 7.19 0.48
C GLU A 266 0.05 6.98 1.78
N VAL A 267 -0.99 7.80 2.02
CA VAL A 267 -1.71 7.71 3.29
C VAL A 267 -2.46 6.38 3.41
N PHE A 268 -3.13 5.94 2.36
CA PHE A 268 -3.84 4.68 2.42
C PHE A 268 -2.88 3.51 2.65
N GLN A 269 -1.74 3.52 1.99
CA GLN A 269 -0.74 2.49 2.25
C GLN A 269 -0.29 2.50 3.71
N ALA A 270 -0.08 3.70 4.29
CA ALA A 270 0.38 3.80 5.67
C ALA A 270 -0.71 3.41 6.66
N ALA A 271 -1.94 3.87 6.45
CA ALA A 271 -3.05 3.43 7.31
C ALA A 271 -3.21 1.92 7.23
N ARG A 272 -3.11 1.37 6.02
CA ARG A 272 -3.28 -0.06 5.83
C ARG A 272 -2.22 -0.87 6.53
N ARG A 273 -1.04 -0.29 6.76
CA ARG A 273 -0.03 -1.00 7.53
C ARG A 273 -0.46 -1.20 8.97
N LEU A 274 -1.43 -0.40 9.44
CA LEU A 274 -1.97 -0.50 10.79
C LEU A 274 -3.29 -1.22 10.83
N ALA A 275 -3.60 -2.03 9.80
CA ALA A 275 -4.92 -2.62 9.68
C ALA A 275 -5.09 -3.72 10.74
N PRO A 276 -6.29 -3.88 11.31
CA PRO A 276 -7.45 -3.00 11.08
C PRO A 276 -7.28 -1.67 11.79
N ALA A 277 -7.74 -0.59 11.18
CA ALA A 277 -7.59 0.74 11.75
C ALA A 277 -8.75 1.63 11.30
N VAL A 278 -9.02 2.65 12.10
CA VAL A 278 -9.93 3.70 11.73
C VAL A 278 -9.14 4.75 10.95
N LEU A 279 -9.62 5.13 9.78
CA LEU A 279 -9.08 6.25 9.05
C LEU A 279 -10.13 7.34 9.02
N VAL A 280 -9.86 8.44 9.71
CA VAL A 280 -10.76 9.59 9.76
C VAL A 280 -10.36 10.57 8.66
N ILE A 281 -11.32 10.94 7.83
CA ILE A 281 -11.06 11.91 6.78
C ILE A 281 -11.73 13.22 7.16
N GLU A 282 -10.92 14.11 7.75
CA GLU A 282 -11.30 15.48 8.04
C GLU A 282 -11.73 16.28 6.81
N ASP A 283 -13.04 16.57 6.73
CA ASP A 283 -13.64 17.45 5.71
C ASP A 283 -13.19 17.09 4.30
N ILE A 284 -13.77 16.02 3.78
CA ILE A 284 -13.48 15.53 2.44
C ILE A 284 -13.80 16.58 1.37
N ASP A 285 -14.42 17.70 1.76
CA ASP A 285 -14.77 18.79 0.83
C ASP A 285 -13.52 19.47 0.28
N SER A 286 -12.48 19.60 1.10
CA SER A 286 -11.27 20.31 0.71
C SER A 286 -10.47 19.57 -0.36
N MET A 287 -10.94 18.39 -0.77
CA MET A 287 -10.20 17.60 -1.74
C MET A 287 -10.27 18.20 -3.14
N PRO A 288 -9.14 18.40 -3.81
CA PRO A 288 -9.15 18.93 -5.17
C PRO A 288 -9.99 18.06 -6.11
N GLU A 289 -10.67 18.73 -7.04
CA GLU A 289 -11.56 18.02 -7.95
C GLU A 289 -10.82 17.03 -8.83
N ASP A 290 -9.58 17.33 -9.20
CA ASP A 290 -8.84 16.47 -10.12
C ASP A 290 -8.42 15.14 -9.50
N VAL A 291 -8.39 15.01 -8.18
CA VAL A 291 -8.11 13.73 -7.55
C VAL A 291 -9.36 13.00 -7.06
N ARG A 292 -10.54 13.61 -7.15
CA ARG A 292 -11.74 12.99 -6.59
C ARG A 292 -12.07 11.68 -7.29
N SER A 293 -11.94 11.64 -8.61
CA SER A 293 -12.23 10.41 -9.34
C SER A 293 -11.30 9.29 -8.89
N PHE A 294 -9.99 9.59 -8.80
CA PHE A 294 -9.02 8.61 -8.39
C PHE A 294 -9.22 8.20 -6.94
N PHE A 295 -9.62 9.16 -6.09
CA PHE A 295 -9.84 8.85 -4.69
C PHE A 295 -10.88 7.76 -4.54
N LEU A 296 -12.06 7.95 -5.14
CA LEU A 296 -13.08 6.93 -5.02
C LEU A 296 -12.65 5.61 -5.65
N ASN A 297 -11.84 5.65 -6.71
CA ASN A 297 -11.33 4.40 -7.24
C ASN A 297 -10.39 3.69 -6.26
N THR A 298 -9.78 4.41 -5.31
CA THR A 298 -9.00 3.67 -4.32
C THR A 298 -9.88 3.11 -3.20
N LEU A 299 -11.11 3.61 -3.07
CA LEU A 299 -12.09 3.02 -2.17
C LEU A 299 -12.66 1.71 -2.73
N ASP A 300 -13.11 1.73 -3.99
CA ASP A 300 -13.93 0.66 -4.52
C ASP A 300 -13.52 0.18 -5.92
N GLY A 301 -12.43 0.67 -6.47
CA GLY A 301 -11.96 0.16 -7.75
C GLY A 301 -11.53 -1.31 -7.69
N ALA A 302 -11.08 -1.80 -8.85
CA ALA A 302 -10.78 -3.23 -9.00
C ALA A 302 -9.57 -3.66 -8.18
N THR A 303 -8.67 -2.76 -7.84
CA THR A 303 -7.48 -3.07 -7.07
C THR A 303 -7.56 -2.49 -5.66
N SER A 304 -8.75 -2.10 -5.21
CA SER A 304 -8.84 -1.56 -3.86
C SER A 304 -8.64 -2.66 -2.82
N LYS A 305 -8.14 -2.26 -1.66
CA LYS A 305 -7.71 -3.18 -0.62
C LYS A 305 -8.63 -3.07 0.57
N GLU A 306 -8.40 -3.95 1.53
CA GLU A 306 -9.23 -4.09 2.72
C GLU A 306 -8.46 -3.67 3.97
N GLY A 307 -9.13 -3.76 5.13
CA GLY A 307 -8.53 -3.47 6.42
C GLY A 307 -8.85 -2.13 7.06
N LEU A 308 -9.60 -1.24 6.39
CA LEU A 308 -9.82 0.09 6.91
C LEU A 308 -11.30 0.35 7.14
N PHE A 309 -11.61 0.98 8.27
CA PHE A 309 -12.92 1.55 8.54
C PHE A 309 -12.78 3.05 8.33
N LEU A 310 -13.36 3.54 7.24
CA LEU A 310 -13.28 4.94 6.85
C LEU A 310 -14.42 5.72 7.44
N ILE A 311 -14.12 6.90 7.98
CA ILE A 311 -15.14 7.82 8.48
C ILE A 311 -14.85 9.23 7.96
N GLY A 312 -15.69 9.72 7.04
CA GLY A 312 -15.54 11.09 6.55
C GLY A 312 -16.62 12.05 7.02
N THR A 313 -16.37 13.36 6.87
CA THR A 313 -17.33 14.41 7.20
C THR A 313 -17.40 15.44 6.10
N THR A 314 -18.61 15.85 5.76
CA THR A 314 -18.81 16.82 4.69
C THR A 314 -20.03 17.67 4.99
N ASN A 315 -19.98 18.93 4.55
CA ASN A 315 -21.16 19.80 4.55
C ASN A 315 -21.83 19.83 3.18
N TYR A 316 -21.23 19.22 2.16
CA TYR A 316 -21.72 19.27 0.79
C TYR A 316 -21.65 17.85 0.22
N PRO A 317 -22.53 16.96 0.67
CA PRO A 317 -22.35 15.53 0.36
C PRO A 317 -22.25 15.21 -1.12
N GLU A 318 -23.00 15.93 -1.96
CA GLU A 318 -23.06 15.64 -3.38
C GLU A 318 -21.74 15.95 -4.10
N GLU A 319 -20.96 16.93 -3.61
CA GLU A 319 -19.73 17.34 -4.28
C GLU A 319 -18.66 16.26 -4.27
N ILE A 320 -18.74 15.31 -3.34
CA ILE A 320 -17.69 14.32 -3.13
C ILE A 320 -18.04 13.05 -3.90
N ASP A 321 -19.16 12.44 -3.50
CA ASP A 321 -19.60 11.13 -3.97
C ASP A 321 -21.00 11.30 -4.56
N PRO A 322 -21.09 11.72 -5.82
CA PRO A 322 -22.39 11.71 -6.49
C PRO A 322 -23.08 10.35 -6.33
N GLY A 323 -24.38 10.41 -6.04
CA GLY A 323 -25.16 9.20 -5.80
C GLY A 323 -25.37 8.92 -4.32
N GLY A 329 -23.74 5.81 -4.51
CA GLY A 329 -22.91 5.72 -3.31
C GLY A 329 -21.71 4.77 -3.38
N ARG A 330 -20.50 5.35 -3.27
CA ARG A 330 -19.25 4.61 -3.19
C ARG A 330 -18.64 4.56 -1.78
N PHE A 331 -19.17 5.37 -0.87
CA PHE A 331 -19.19 5.02 0.55
C PHE A 331 -20.35 4.07 0.79
N ASP A 332 -20.37 3.47 1.98
CA ASP A 332 -21.32 2.39 2.21
C ASP A 332 -22.65 2.93 2.71
N ARG A 333 -22.61 3.93 3.57
CA ARG A 333 -23.79 4.57 4.16
C ARG A 333 -23.44 6.03 4.43
N ALA A 334 -24.43 6.90 4.32
CA ALA A 334 -24.27 8.29 4.71
C ALA A 334 -25.32 8.62 5.76
N TYR A 335 -24.89 9.16 6.90
CA TYR A 335 -25.78 9.50 7.99
C TYR A 335 -25.81 11.00 8.17
N GLU A 336 -27.01 11.54 8.31
CA GLU A 336 -27.22 12.97 8.52
C GLU A 336 -27.12 13.29 10.02
N ILE A 337 -26.30 14.29 10.36
CA ILE A 337 -26.25 14.81 11.72
C ILE A 337 -26.96 16.14 11.74
N GLY A 338 -28.12 16.20 12.39
CA GLY A 338 -28.80 17.44 12.64
C GLY A 338 -28.32 18.10 13.92
N LEU A 339 -29.01 19.17 14.29
CA LEU A 339 -28.61 19.75 15.56
C LEU A 339 -29.43 19.12 16.68
N PRO A 340 -28.95 19.20 17.92
CA PRO A 340 -29.47 18.27 18.92
C PRO A 340 -30.85 18.64 19.41
N ASP A 341 -31.68 17.61 19.58
CA ASP A 341 -32.96 17.78 20.25
C ASP A 341 -32.74 17.93 21.77
N GLU A 342 -33.84 18.16 22.49
CA GLU A 342 -33.75 18.45 23.92
C GLU A 342 -33.00 17.35 24.67
N GLU A 343 -33.21 16.08 24.26
CA GLU A 343 -32.55 14.95 24.91
C GLU A 343 -31.04 15.04 24.78
N LEU A 344 -30.56 15.22 23.55
CA LEU A 344 -29.13 15.32 23.31
C LEU A 344 -28.54 16.54 24.00
N ARG A 345 -29.23 17.69 23.90
CA ARG A 345 -28.77 18.90 24.58
C ARG A 345 -28.49 18.64 26.06
N LEU A 346 -29.41 17.94 26.72
CA LEU A 346 -29.24 17.65 28.14
C LEU A 346 -28.03 16.75 28.39
N GLU A 347 -27.89 15.69 27.61
CA GLU A 347 -26.68 14.86 27.67
C GLU A 347 -25.42 15.71 27.58
N TYR A 348 -25.38 16.63 26.60
CA TYR A 348 -24.21 17.50 26.44
C TYR A 348 -23.97 18.36 27.68
N MET A 349 -25.02 18.97 28.21
CA MET A 349 -24.83 19.94 29.29
C MET A 349 -24.39 19.25 30.57
N LYS A 350 -24.94 18.07 30.85
CA LYS A 350 -24.44 17.29 31.97
C LYS A 350 -22.95 16.93 31.77
N MET A 351 -22.59 16.50 30.55
CA MET A 351 -21.22 16.09 30.26
C MET A 351 -20.26 17.28 30.29
N ARG A 352 -20.60 18.34 29.56
CA ARG A 352 -19.70 19.47 29.38
C ARG A 352 -19.31 20.13 30.70
N GLY A 353 -20.05 19.89 31.77
CA GLY A 353 -19.77 20.49 33.05
C GLY A 353 -20.74 21.58 33.53
N PHE A 354 -21.96 21.65 32.99
CA PHE A 354 -22.90 22.66 33.45
C PHE A 354 -23.34 22.42 34.89
N GLY A 355 -23.41 21.15 35.31
CA GLY A 355 -23.83 20.83 36.67
C GLY A 355 -22.90 21.34 37.74
N ILE A 356 -21.74 21.87 37.36
CA ILE A 356 -20.84 22.50 38.33
C ILE A 356 -21.56 23.63 39.04
N PHE A 357 -22.28 24.46 38.28
CA PHE A 357 -22.92 25.67 38.79
C PHE A 357 -24.43 25.67 38.57
N LEU A 358 -25.01 24.55 38.16
CA LEU A 358 -26.43 24.47 37.88
C LEU A 358 -27.02 23.32 38.68
N SER A 359 -28.11 23.59 39.39
CA SER A 359 -28.90 22.52 39.97
C SER A 359 -29.49 21.67 38.85
N GLU A 360 -29.97 20.48 39.23
CA GLU A 360 -30.50 19.54 38.25
C GLU A 360 -31.64 20.15 37.45
N GLY A 361 -32.53 20.87 38.13
CA GLY A 361 -33.64 21.50 37.45
C GLY A 361 -33.18 22.56 36.46
N GLU A 362 -32.19 23.37 36.85
CA GLU A 362 -31.69 24.43 35.98
C GLU A 362 -31.11 23.87 34.69
N ILE A 363 -30.51 22.68 34.74
CA ILE A 363 -30.00 22.07 33.53
C ILE A 363 -31.15 21.50 32.70
N LYS A 364 -32.09 20.82 33.34
CA LYS A 364 -33.29 20.39 32.62
C LYS A 364 -33.97 21.59 31.95
N ASN A 365 -34.08 22.71 32.68
CA ASN A 365 -34.68 23.92 32.13
C ASN A 365 -33.87 24.48 30.98
N ALA A 366 -32.55 24.54 31.15
CA ALA A 366 -31.70 25.13 30.12
C ALA A 366 -31.69 24.29 28.85
N ALA A 367 -31.80 22.96 29.00
CA ALA A 367 -31.94 22.11 27.83
C ALA A 367 -33.20 22.47 27.06
N LYS A 368 -34.27 22.80 27.80
CA LYS A 368 -35.55 23.18 27.22
C LYS A 368 -35.43 24.47 26.40
N LEU A 369 -34.75 25.48 26.96
CA LEU A 369 -34.70 26.82 26.39
C LEU A 369 -33.72 26.97 25.23
N THR A 370 -32.98 25.94 24.86
CA THR A 370 -31.88 26.08 23.92
C THR A 370 -32.19 25.42 22.59
N GLU A 371 -33.46 25.49 22.19
CA GLU A 371 -33.89 24.92 20.92
C GLU A 371 -33.16 25.60 19.77
N GLY A 372 -32.70 24.80 18.81
CA GLY A 372 -31.97 25.34 17.67
C GLY A 372 -30.52 25.68 17.94
N PHE A 373 -30.03 25.45 19.17
CA PHE A 373 -28.61 25.61 19.47
C PHE A 373 -27.80 24.48 18.85
N SER A 374 -26.65 24.83 18.29
CA SER A 374 -25.65 23.82 17.99
C SER A 374 -24.87 23.44 19.27
N PHE A 375 -24.23 22.27 19.21
CA PHE A 375 -23.33 21.90 20.30
C PHE A 375 -22.28 22.98 20.54
N ALA A 376 -21.70 23.49 19.44
CA ALA A 376 -20.77 24.62 19.54
C ALA A 376 -21.36 25.76 20.37
N GLN A 377 -22.58 26.19 20.03
CA GLN A 377 -23.19 27.29 20.76
C GLN A 377 -23.49 26.93 22.21
N LEU A 378 -23.85 25.68 22.47
CA LEU A 378 -23.96 25.25 23.85
C LEU A 378 -22.63 25.33 24.56
N GLY A 379 -21.53 25.09 23.84
CA GLY A 379 -20.20 25.29 24.41
C GLY A 379 -19.86 26.74 24.64
N GLU A 380 -20.16 27.61 23.67
CA GLU A 380 -20.00 29.05 23.85
C GLU A 380 -20.89 29.57 24.97
N LEU A 381 -22.06 28.95 25.19
CA LEU A 381 -22.86 29.28 26.36
C LEU A 381 -22.18 28.82 27.63
N TYR A 382 -21.54 27.66 27.60
CA TYR A 382 -20.88 27.13 28.79
C TYR A 382 -19.83 28.11 29.32
N VAL A 383 -18.94 28.57 28.43
CA VAL A 383 -17.88 29.48 28.86
C VAL A 383 -18.46 30.75 29.47
N SER A 384 -19.56 31.26 28.91
CA SER A 384 -20.14 32.52 29.38
C SER A 384 -20.74 32.38 30.78
N SER A 385 -21.65 31.42 30.96
CA SER A 385 -22.23 31.19 32.27
C SER A 385 -21.18 30.79 33.30
N ALA A 386 -20.14 30.07 32.86
CA ALA A 386 -19.07 29.69 33.78
C ALA A 386 -18.27 30.91 34.20
N LEU A 387 -17.98 31.80 33.25
CA LEU A 387 -17.18 32.97 33.59
C LEU A 387 -17.92 33.87 34.56
N GLN A 388 -19.20 34.13 34.29
CA GLN A 388 -20.01 34.90 35.23
C GLN A 388 -20.09 34.21 36.58
N TRP A 389 -20.32 32.90 36.58
CA TRP A 389 -20.36 32.16 37.84
C TRP A 389 -19.04 32.28 38.58
N HIS A 390 -17.91 32.15 37.87
CA HIS A 390 -16.62 32.30 38.52
C HIS A 390 -16.38 33.74 38.94
N GLN A 391 -16.60 34.70 38.02
CA GLN A 391 -16.39 36.10 38.33
C GLN A 391 -17.33 36.59 39.42
N GLU A 392 -18.62 36.28 39.32
CA GLU A 392 -19.64 36.91 40.16
C GLU A 392 -20.31 35.99 41.16
N GLY A 393 -20.29 34.68 40.96
CA GLY A 393 -21.16 33.79 41.71
C GLY A 393 -22.58 33.72 41.20
N ASN A 394 -22.88 34.41 40.10
CA ASN A 394 -24.17 34.34 39.42
C ASN A 394 -24.01 33.76 38.01
N HIS A 395 -24.98 32.93 37.64
CA HIS A 395 -25.15 32.39 36.29
C HIS A 395 -26.50 32.89 35.79
N HIS A 396 -26.52 33.70 34.75
CA HIS A 396 -27.87 34.04 34.28
C HIS A 396 -28.20 33.38 32.95
N ILE A 397 -28.29 32.04 33.01
CA ILE A 397 -28.69 31.19 31.89
C ILE A 397 -29.84 31.83 31.13
N GLU A 398 -30.92 32.10 31.86
CA GLU A 398 -32.10 32.73 31.28
C GLU A 398 -31.74 33.97 30.47
N THR A 399 -30.90 34.84 31.04
CA THR A 399 -30.52 36.07 30.36
C THR A 399 -29.67 35.79 29.13
N MET A 400 -28.80 34.78 29.19
CA MET A 400 -27.78 34.59 28.17
C MET A 400 -28.25 33.77 26.97
N VAL A 401 -29.25 32.90 27.11
CA VAL A 401 -29.80 32.25 25.92
C VAL A 401 -30.40 33.31 25.00
N LYS A 402 -31.08 34.30 25.57
CA LYS A 402 -31.69 35.36 24.77
C LYS A 402 -30.63 36.22 24.09
N ASP A 403 -29.63 36.65 24.86
CA ASP A 403 -28.51 37.39 24.31
C ASP A 403 -27.86 36.64 23.14
N MET A 404 -27.92 35.31 23.15
CA MET A 404 -27.30 34.52 22.08
C MET A 404 -28.22 34.37 20.89
N THR A 405 -29.54 34.25 21.13
CA THR A 405 -30.52 34.23 20.05
C THR A 405 -30.38 35.49 19.19
N GLY A 406 -30.59 36.65 19.81
CA GLY A 406 -30.41 37.92 19.11
C GLY A 406 -29.01 38.51 19.27
N ASN B 5 58.89 17.82 -34.22
CA ASN B 5 59.57 17.83 -32.92
C ASN B 5 59.23 19.08 -32.10
N ILE B 6 58.07 19.05 -31.45
CA ILE B 6 57.58 20.15 -30.62
C ILE B 6 57.81 19.79 -29.16
N PRO B 7 58.38 20.70 -28.33
CA PRO B 7 58.74 20.33 -26.95
C PRO B 7 57.52 19.89 -26.13
N PHE B 8 57.80 19.19 -25.03
CA PHE B 8 56.77 18.79 -24.07
C PHE B 8 57.03 19.45 -22.72
N ILE B 9 55.99 20.13 -22.22
CA ILE B 9 56.07 20.80 -20.92
C ILE B 9 56.35 19.79 -19.82
N TYR B 10 55.54 18.74 -19.75
CA TYR B 10 55.66 17.72 -18.71
C TYR B 10 56.70 16.69 -19.12
N GLN B 11 57.79 16.61 -18.35
CA GLN B 11 58.87 15.69 -18.64
C GLN B 11 59.06 14.64 -17.57
N TYR B 12 58.12 14.48 -16.66
CA TYR B 12 58.25 13.46 -15.63
C TYR B 12 58.12 12.09 -16.27
N GLU B 13 59.15 11.26 -16.10
CA GLU B 13 59.10 9.87 -16.53
C GLU B 13 58.53 8.99 -15.42
N GLU B 14 57.50 8.22 -15.77
CA GLU B 14 56.65 7.52 -14.81
C GLU B 14 57.22 6.15 -14.44
N LYS B 15 57.08 5.80 -13.16
CA LYS B 15 57.43 4.46 -12.71
C LYS B 15 56.40 3.44 -13.21
N GLU B 16 56.80 2.16 -13.20
CA GLU B 16 55.88 1.14 -13.67
C GLU B 16 54.65 1.04 -12.77
N ASN B 17 54.77 1.42 -11.50
CA ASN B 17 53.66 1.30 -10.57
C ASN B 17 52.58 2.34 -10.85
N GLU B 18 52.95 3.54 -11.28
CA GLU B 18 51.94 4.56 -11.51
C GLU B 18 50.96 4.20 -12.61
N ARG B 19 51.23 3.16 -13.40
CA ARG B 19 50.30 2.83 -14.46
C ARG B 19 49.12 1.98 -14.00
N ALA B 20 49.09 1.56 -12.73
CA ALA B 20 48.02 0.69 -12.26
C ALA B 20 46.66 1.39 -12.32
N ALA B 21 45.65 0.65 -12.77
CA ALA B 21 44.32 1.20 -12.97
C ALA B 21 43.47 0.99 -11.72
N ALA B 22 42.97 2.10 -11.17
CA ALA B 22 42.23 2.11 -9.92
C ALA B 22 41.10 1.09 -9.91
N GLY B 23 41.07 0.27 -8.85
CA GLY B 23 39.98 -0.65 -8.65
C GLY B 23 39.99 -1.85 -9.57
N TYR B 24 40.85 -1.87 -10.60
CA TYR B 24 40.89 -3.00 -11.51
C TYR B 24 41.52 -4.22 -10.85
N GLY B 25 42.44 -4.00 -9.91
CA GLY B 25 43.10 -5.12 -9.24
C GLY B 25 42.12 -6.00 -8.47
N THR B 26 41.21 -5.38 -7.72
CA THR B 26 40.15 -6.16 -7.09
C THR B 26 39.21 -6.76 -8.13
N PHE B 27 38.67 -5.94 -9.01
CA PHE B 27 37.67 -6.42 -9.96
C PHE B 27 38.19 -7.60 -10.78
N GLY B 28 39.40 -7.48 -11.34
CA GLY B 28 39.94 -8.55 -12.16
C GLY B 28 40.14 -9.83 -11.36
N TYR B 29 40.61 -9.70 -10.12
CA TYR B 29 40.77 -10.86 -9.26
C TYR B 29 39.43 -11.58 -9.04
N LEU B 30 38.39 -10.80 -8.66
CA LEU B 30 37.07 -11.39 -8.47
C LEU B 30 36.56 -12.09 -9.73
N ILE B 31 36.58 -11.39 -10.87
CA ILE B 31 36.10 -11.99 -12.11
C ILE B 31 36.83 -13.30 -12.38
N THR B 32 38.16 -13.29 -12.25
CA THR B 32 38.94 -14.49 -12.50
C THR B 32 38.54 -15.61 -11.55
N ARG B 33 38.42 -15.30 -10.25
CA ARG B 33 38.00 -16.30 -9.26
C ARG B 33 36.61 -16.83 -9.58
N ILE B 34 35.64 -15.95 -9.93
CA ILE B 34 34.31 -16.42 -10.31
C ILE B 34 34.41 -17.37 -11.49
N GLU B 35 35.23 -17.03 -12.49
CA GLU B 35 35.40 -17.92 -13.63
C GLU B 35 35.92 -19.28 -13.19
N GLU B 36 37.03 -19.30 -12.43
CA GLU B 36 37.56 -20.55 -11.93
C GLU B 36 36.52 -21.34 -11.11
N THR B 37 35.76 -20.64 -10.24
CA THR B 37 34.76 -21.34 -9.44
C THR B 37 33.71 -21.99 -10.34
N LEU B 38 33.23 -21.25 -11.34
CA LEU B 38 32.22 -21.81 -12.23
C LEU B 38 32.77 -22.99 -13.03
N TYR B 39 34.06 -22.94 -13.38
CA TYR B 39 34.66 -24.06 -14.09
C TYR B 39 34.80 -25.28 -13.17
N ASP B 40 35.28 -25.06 -11.93
CA ASP B 40 35.45 -26.16 -10.99
C ASP B 40 34.14 -26.88 -10.72
N GLN B 41 33.00 -26.20 -10.83
CA GLN B 41 31.75 -26.87 -10.56
C GLN B 41 31.06 -27.44 -11.79
N TYR B 42 31.37 -26.96 -12.99
CA TYR B 42 30.66 -27.43 -14.16
C TYR B 42 31.55 -27.82 -15.32
N GLY B 43 32.86 -27.61 -15.23
CA GLY B 43 33.77 -27.99 -16.29
C GLY B 43 33.49 -27.34 -17.63
N VAL B 44 32.80 -26.20 -17.64
CA VAL B 44 32.61 -25.35 -18.81
C VAL B 44 33.21 -23.98 -18.49
N PHE B 45 33.52 -23.20 -19.53
CA PHE B 45 34.13 -21.88 -19.38
C PHE B 45 33.08 -20.78 -19.53
N TYR B 46 33.01 -19.92 -18.52
CA TYR B 46 32.14 -18.76 -18.50
C TYR B 46 32.98 -17.50 -18.70
N GLU B 47 32.44 -16.53 -19.44
CA GLU B 47 33.10 -15.24 -19.52
C GLU B 47 32.06 -14.14 -19.29
N LEU B 48 32.57 -12.95 -19.02
CA LEU B 48 31.73 -11.78 -18.78
C LEU B 48 31.03 -11.33 -20.06
N TYR B 49 29.71 -11.16 -19.98
CA TYR B 49 28.96 -10.50 -21.04
C TYR B 49 28.45 -9.15 -20.62
N ALA B 50 28.57 -8.80 -19.34
CA ALA B 50 28.13 -7.51 -18.80
C ALA B 50 28.83 -7.27 -17.47
N SER B 51 29.53 -6.15 -17.37
CA SER B 51 30.29 -5.77 -16.17
C SER B 51 29.39 -5.18 -15.11
N ASP B 52 28.43 -4.36 -15.51
CA ASP B 52 27.44 -3.84 -14.59
C ASP B 52 26.15 -3.71 -15.40
N ASP B 53 25.36 -4.78 -15.39
CA ASP B 53 24.25 -4.91 -16.30
C ASP B 53 23.18 -3.87 -15.97
N PRO B 54 22.83 -2.98 -16.90
CA PRO B 54 21.74 -2.04 -16.64
C PRO B 54 20.37 -2.69 -16.65
N ASN B 55 20.25 -3.92 -17.16
CA ASN B 55 18.93 -4.55 -17.32
C ASN B 55 18.45 -5.15 -16.00
N THR B 56 17.18 -4.90 -15.66
CA THR B 56 16.66 -5.38 -14.38
C THR B 56 15.74 -6.58 -14.48
N GLU B 57 15.08 -6.78 -15.63
CA GLU B 57 14.02 -7.78 -15.73
C GLU B 57 14.52 -9.17 -15.39
N TYR B 58 15.58 -9.63 -16.06
CA TYR B 58 16.02 -10.97 -15.77
C TYR B 58 16.83 -11.05 -14.48
N TRP B 59 17.28 -9.91 -13.95
CA TRP B 59 17.80 -9.90 -12.59
C TRP B 59 16.66 -10.06 -11.57
N GLU B 60 15.48 -9.49 -11.86
CA GLU B 60 14.34 -9.70 -10.98
C GLU B 60 13.75 -11.08 -11.13
N LEU B 61 13.91 -11.71 -12.30
CA LEU B 61 13.57 -13.13 -12.44
C LEU B 61 14.48 -14.01 -11.59
N LEU B 62 15.79 -13.72 -11.58
CA LEU B 62 16.71 -14.50 -10.76
C LEU B 62 16.32 -14.45 -9.29
N VAL B 63 16.06 -13.24 -8.78
CA VAL B 63 15.67 -13.08 -7.40
C VAL B 63 14.40 -13.88 -7.12
N GLU B 64 13.42 -13.77 -8.01
CA GLU B 64 12.17 -14.48 -7.78
C GLU B 64 12.39 -15.99 -7.84
N ASP B 65 13.25 -16.45 -8.74
CA ASP B 65 13.58 -17.86 -8.78
C ASP B 65 14.22 -18.31 -7.47
N VAL B 66 15.21 -17.56 -6.99
CA VAL B 66 15.83 -17.90 -5.70
C VAL B 66 14.81 -17.79 -4.57
N ARG B 67 14.03 -16.71 -4.55
CA ARG B 67 13.02 -16.54 -3.50
C ARG B 67 12.04 -17.70 -3.49
N SER B 68 11.61 -18.15 -4.65
CA SER B 68 10.60 -19.19 -4.71
C SER B 68 11.17 -20.61 -4.52
N GLY B 69 12.44 -20.77 -4.14
CA GLY B 69 12.96 -22.12 -4.04
C GLY B 69 12.91 -22.89 -5.34
N SER B 70 12.85 -22.20 -6.48
CA SER B 70 12.92 -22.87 -7.77
C SER B 70 14.24 -23.63 -7.88
N LEU B 71 14.22 -24.71 -8.66
CA LEU B 71 15.40 -25.56 -8.77
C LEU B 71 16.43 -25.01 -9.74
N GLU B 72 16.00 -24.26 -10.74
CA GLU B 72 16.82 -24.05 -11.93
C GLU B 72 17.99 -23.09 -11.75
N PRO B 73 17.99 -22.14 -10.77
CA PRO B 73 19.25 -21.44 -10.46
C PRO B 73 19.95 -22.09 -9.28
N GLU B 74 21.24 -22.42 -9.40
CA GLU B 74 22.00 -23.02 -8.32
C GLU B 74 22.95 -21.98 -7.71
N HIS B 75 23.02 -21.97 -6.37
CA HIS B 75 23.95 -21.09 -5.67
C HIS B 75 25.36 -21.66 -5.77
N VAL B 76 26.29 -20.87 -6.27
CA VAL B 76 27.62 -21.37 -6.60
C VAL B 76 28.65 -20.96 -5.56
N ALA B 77 28.58 -19.73 -5.05
CA ALA B 77 29.55 -19.30 -4.06
C ALA B 77 29.11 -17.96 -3.49
N TYR B 78 29.72 -17.62 -2.36
CA TYR B 78 29.69 -16.30 -1.77
C TYR B 78 30.94 -15.54 -2.17
N ILE B 79 30.83 -14.23 -2.22
CA ILE B 79 31.96 -13.46 -2.72
C ILE B 79 32.87 -13.12 -1.54
N PHE B 80 32.37 -12.34 -0.60
CA PHE B 80 33.12 -11.99 0.60
C PHE B 80 32.61 -12.80 1.78
N GLU B 81 33.54 -13.36 2.56
CA GLU B 81 33.17 -14.25 3.65
C GLU B 81 32.40 -13.53 4.75
N LYS B 82 32.62 -12.23 4.93
CA LYS B 82 32.01 -11.50 6.03
C LYS B 82 30.98 -10.46 5.58
N LEU B 83 30.43 -10.61 4.38
CA LEU B 83 29.21 -9.88 4.02
C LEU B 83 28.06 -10.87 4.02
N GLU B 84 26.86 -10.39 3.69
CA GLU B 84 25.65 -11.15 4.00
C GLU B 84 25.61 -12.45 3.20
N LYS B 85 25.23 -13.54 3.87
CA LYS B 85 25.00 -14.82 3.22
C LYS B 85 23.52 -15.13 3.05
N LYS B 86 22.66 -14.38 3.73
CA LYS B 86 21.21 -14.49 3.63
C LYS B 86 20.62 -13.11 3.46
N THR B 87 19.36 -13.10 3.06
CA THR B 87 18.60 -11.89 2.92
C THR B 87 17.14 -12.27 3.06
N PHE B 88 16.28 -11.26 3.11
CA PHE B 88 14.86 -11.54 3.16
C PHE B 88 14.16 -10.53 2.26
N ALA B 89 13.00 -10.94 1.75
CA ALA B 89 12.30 -10.12 0.77
C ALA B 89 11.71 -8.86 1.40
N TYR B 90 11.43 -8.90 2.70
CA TYR B 90 10.61 -7.92 3.42
C TYR B 90 10.97 -6.47 3.12
N ASP B 91 10.09 -5.79 2.42
CA ASP B 91 10.22 -4.37 2.12
C ASP B 91 9.01 -3.68 2.73
N GLU B 92 9.26 -2.84 3.74
CA GLU B 92 8.18 -2.14 4.41
C GLU B 92 7.50 -1.11 3.51
N ASP B 93 8.07 -0.82 2.33
CA ASP B 93 7.46 0.09 1.36
C ASP B 93 6.48 -0.59 0.42
N GLU B 94 6.60 -1.90 0.21
CA GLU B 94 5.65 -2.65 -0.63
C GLU B 94 4.33 -2.91 0.10
N LYS B 95 3.23 -2.88 -0.66
CA LYS B 95 1.89 -3.06 -0.08
C LYS B 95 1.71 -4.46 0.49
N GLU B 96 2.15 -5.48 -0.26
CA GLU B 96 2.18 -6.85 0.25
C GLU B 96 3.53 -7.13 0.91
N PRO B 97 3.55 -7.59 2.17
CA PRO B 97 4.82 -7.89 2.84
C PRO B 97 5.26 -9.32 2.61
N ASP B 98 6.46 -9.52 2.05
CA ASP B 98 7.01 -10.85 1.78
C ASP B 98 8.08 -11.13 2.82
N TYR B 99 7.86 -12.15 3.65
CA TYR B 99 8.77 -12.47 4.74
C TYR B 99 9.67 -13.67 4.42
N THR B 100 9.83 -14.02 3.16
CA THR B 100 10.68 -15.16 2.82
C THR B 100 12.15 -14.86 3.12
N VAL B 101 12.84 -15.83 3.72
CA VAL B 101 14.27 -15.77 3.96
C VAL B 101 14.96 -16.80 3.07
N HIS B 102 15.93 -16.34 2.28
CA HIS B 102 16.65 -17.16 1.32
C HIS B 102 18.11 -16.70 1.31
N LYS B 103 18.95 -17.38 0.52
CA LYS B 103 20.33 -16.96 0.33
C LYS B 103 20.40 -15.58 -0.33
N SER B 104 21.45 -14.85 -0.01
CA SER B 104 21.61 -13.48 -0.49
C SER B 104 21.78 -13.41 -2.01
N ILE B 105 21.36 -12.29 -2.59
CA ILE B 105 21.59 -12.06 -4.01
C ILE B 105 22.90 -11.28 -4.12
N ARG B 106 22.89 -10.06 -3.59
CA ARG B 106 24.14 -9.40 -3.29
C ARG B 106 25.08 -10.37 -2.57
N ASN B 107 26.35 -10.36 -2.96
CA ASN B 107 27.41 -11.16 -2.38
C ASN B 107 27.32 -12.64 -2.77
N SER B 108 26.56 -13.00 -3.79
CA SER B 108 26.51 -14.40 -4.22
C SER B 108 26.70 -14.53 -5.72
N VAL B 109 27.04 -15.75 -6.13
CA VAL B 109 27.13 -16.18 -7.52
C VAL B 109 26.05 -17.22 -7.76
N TYR B 110 25.27 -17.04 -8.79
CA TYR B 110 24.25 -18.01 -9.18
C TYR B 110 24.49 -18.44 -10.61
N ALA B 111 24.14 -19.69 -10.93
CA ALA B 111 24.23 -20.16 -12.30
C ALA B 111 22.97 -20.93 -12.67
N TYR B 112 22.54 -20.74 -13.91
CA TYR B 112 21.57 -21.63 -14.55
C TYR B 112 22.34 -22.65 -15.39
N PRO B 113 22.76 -23.79 -14.82
CA PRO B 113 23.59 -24.73 -15.61
C PRO B 113 22.96 -25.18 -16.92
N GLU B 114 21.64 -25.44 -16.93
CA GLU B 114 20.99 -25.86 -18.16
C GLU B 114 21.11 -24.80 -19.24
N LYS B 115 21.12 -23.52 -18.85
CA LYS B 115 21.08 -22.42 -19.80
C LYS B 115 22.45 -21.84 -20.10
N GLY B 116 23.46 -22.17 -19.30
CA GLY B 116 24.80 -21.67 -19.53
C GLY B 116 24.97 -20.22 -19.21
N VAL B 117 24.21 -19.70 -18.23
CA VAL B 117 24.24 -18.30 -17.85
C VAL B 117 24.43 -18.24 -16.35
N ALA B 118 25.18 -17.23 -15.88
CA ALA B 118 25.45 -17.11 -14.46
C ALA B 118 25.44 -15.65 -14.03
N PHE B 119 25.10 -15.43 -12.76
CA PHE B 119 24.91 -14.09 -12.22
C PHE B 119 25.80 -13.94 -11.01
N ALA B 120 26.47 -12.79 -10.92
CA ALA B 120 27.21 -12.44 -9.72
C ALA B 120 26.90 -10.99 -9.39
N ARG B 121 26.37 -10.74 -8.18
CA ARG B 121 26.15 -9.37 -7.70
C ARG B 121 27.27 -9.04 -6.74
N ILE B 122 28.30 -8.33 -7.22
CA ILE B 122 29.56 -8.19 -6.52
C ILE B 122 29.50 -6.93 -5.66
N PRO B 123 29.59 -7.03 -4.35
CA PRO B 123 29.55 -5.84 -3.50
C PRO B 123 30.87 -5.09 -3.50
N TYR B 124 30.77 -3.80 -3.17
CA TYR B 124 31.96 -2.97 -2.99
C TYR B 124 31.57 -1.76 -2.15
N PHE B 125 32.59 -1.08 -1.63
CA PHE B 125 32.38 0.01 -0.69
C PHE B 125 32.71 1.34 -1.36
N GLN B 126 31.78 2.28 -1.28
CA GLN B 126 31.90 3.54 -1.99
C GLN B 126 31.07 4.61 -1.29
N ASP B 127 31.74 5.69 -0.87
CA ASP B 127 31.05 6.85 -0.27
C ASP B 127 30.31 6.43 1.00
N GLY B 128 30.95 5.55 1.78
CA GLY B 128 30.25 4.91 2.87
C GLY B 128 29.39 3.74 2.44
N SER B 129 28.28 4.00 1.74
CA SER B 129 27.24 3.02 1.48
C SER B 129 27.76 1.79 0.74
N ILE B 130 26.95 0.72 0.77
CA ILE B 130 27.28 -0.56 0.15
C ILE B 130 26.51 -0.68 -1.15
N MET B 131 27.24 -0.89 -2.24
CA MET B 131 26.75 -0.96 -3.61
C MET B 131 27.17 -2.28 -4.24
N SER B 132 26.75 -2.52 -5.49
CA SER B 132 27.16 -3.76 -6.15
C SER B 132 27.16 -3.63 -7.67
N PHE B 133 28.09 -4.33 -8.32
CA PHE B 133 28.09 -4.51 -9.77
C PHE B 133 27.26 -5.74 -10.10
N ASP B 134 26.46 -5.64 -11.15
CA ASP B 134 25.67 -6.78 -11.61
C ASP B 134 26.40 -7.40 -12.80
N CYS B 135 27.20 -8.42 -12.52
CA CYS B 135 27.99 -9.08 -13.55
C CYS B 135 27.23 -10.25 -14.15
N LEU B 136 27.27 -10.37 -15.46
CA LEU B 136 26.54 -11.41 -16.17
C LEU B 136 27.53 -12.24 -16.95
N PHE B 137 27.43 -13.56 -16.82
CA PHE B 137 28.34 -14.49 -17.47
C PHE B 137 27.57 -15.47 -18.32
N ALA B 138 28.18 -15.90 -19.42
CA ALA B 138 27.60 -16.95 -20.25
C ALA B 138 28.73 -17.85 -20.75
N VAL B 139 28.32 -19.04 -21.18
CA VAL B 139 29.25 -20.06 -21.66
C VAL B 139 29.67 -19.78 -23.10
N ASN B 140 28.73 -19.40 -23.97
CA ASN B 140 29.04 -18.95 -25.33
C ASN B 140 27.98 -17.97 -25.80
N ASP B 141 28.21 -17.40 -27.00
CA ASP B 141 27.29 -16.40 -27.56
C ASP B 141 25.92 -17.00 -27.86
N GLU B 142 25.89 -18.25 -28.30
CA GLU B 142 24.61 -18.88 -28.64
C GLU B 142 23.75 -18.99 -27.39
N LYS B 143 24.35 -19.50 -26.30
CA LYS B 143 23.60 -19.69 -25.07
C LYS B 143 23.17 -18.36 -24.47
N MET B 144 24.01 -17.33 -24.57
CA MET B 144 23.61 -16.00 -24.12
C MET B 144 22.38 -15.50 -24.88
N ARG B 145 22.37 -15.65 -26.22
CA ARG B 145 21.24 -15.12 -26.98
C ARG B 145 19.95 -15.84 -26.63
N ALA B 146 19.99 -17.17 -26.52
CA ALA B 146 18.79 -17.94 -26.20
C ALA B 146 18.26 -17.56 -24.83
N PHE B 147 19.15 -17.33 -23.88
CA PHE B 147 18.71 -16.85 -22.57
C PHE B 147 17.92 -15.56 -22.71
N LEU B 148 18.49 -14.56 -23.39
CA LEU B 148 17.82 -13.28 -23.53
C LEU B 148 16.49 -13.45 -24.26
N GLU B 149 16.47 -14.28 -25.30
CA GLU B 149 15.25 -14.49 -26.05
C GLU B 149 14.19 -15.16 -25.22
N GLY B 150 14.56 -15.83 -24.13
CA GLY B 150 13.64 -16.50 -23.23
C GLY B 150 13.05 -15.66 -22.11
N VAL B 151 13.44 -14.40 -22.00
CA VAL B 151 13.01 -13.56 -20.88
C VAL B 151 11.56 -13.13 -21.05
N ARG B 152 11.21 -12.53 -22.19
CA ARG B 152 9.82 -12.14 -22.47
C ARG B 152 8.83 -13.27 -22.20
N PRO B 153 8.99 -14.47 -22.76
CA PRO B 153 8.06 -15.55 -22.39
C PRO B 153 8.06 -15.91 -20.92
N ARG B 154 9.22 -15.94 -20.27
CA ARG B 154 9.19 -16.21 -18.83
C ARG B 154 8.35 -15.16 -18.11
N LEU B 155 8.58 -13.87 -18.40
CA LEU B 155 7.80 -12.83 -17.73
C LEU B 155 6.32 -12.89 -18.09
N TRP B 156 5.99 -13.30 -19.30
CA TRP B 156 4.59 -13.44 -19.67
C TRP B 156 3.88 -14.45 -18.76
N GLU B 157 4.50 -15.61 -18.53
CA GLU B 157 3.92 -16.64 -17.67
C GLU B 157 3.74 -16.13 -16.25
N LYS B 158 4.78 -15.50 -15.69
CA LYS B 158 4.69 -14.94 -14.35
C LYS B 158 3.56 -13.93 -14.23
N SER B 159 3.33 -13.13 -15.27
CA SER B 159 2.30 -12.10 -15.22
C SER B 159 0.88 -12.64 -15.37
N LYS B 160 0.72 -13.86 -15.89
CA LYS B 160 -0.62 -14.48 -15.90
C LYS B 160 -1.21 -14.60 -14.51
N ARG B 161 -0.37 -14.65 -13.49
CA ARG B 161 -0.77 -15.00 -12.14
C ARG B 161 -0.61 -13.86 -11.15
N LYS B 162 -0.07 -12.73 -11.58
CA LYS B 162 -0.12 -11.50 -10.84
C LYS B 162 -0.96 -10.52 -11.64
N VAL B 163 -1.49 -9.51 -10.99
CA VAL B 163 -2.16 -8.44 -11.70
C VAL B 163 -1.23 -7.22 -11.73
N THR B 164 -1.09 -6.62 -12.90
CA THR B 164 -0.15 -5.50 -13.10
C THR B 164 -0.92 -4.18 -13.09
N VAL B 165 -0.51 -3.27 -12.23
CA VAL B 165 -1.17 -1.98 -12.09
C VAL B 165 -0.16 -0.89 -12.41
N PHE B 166 -0.54 -0.01 -13.32
CA PHE B 166 0.21 1.18 -13.69
C PHE B 166 -0.54 2.38 -13.14
N THR B 167 0.14 3.18 -12.34
CA THR B 167 -0.46 4.35 -11.71
C THR B 167 0.37 5.55 -12.12
N ASP B 168 -0.26 6.52 -12.76
CA ASP B 168 0.45 7.69 -13.24
C ASP B 168 0.77 8.61 -12.06
N GLY B 169 2.06 8.82 -11.83
CA GLY B 169 2.54 9.79 -10.86
C GLY B 169 3.24 10.96 -11.55
N ASP B 170 3.75 11.86 -10.70
CA ASP B 170 4.33 13.12 -11.15
C ASP B 170 5.38 12.93 -12.25
N GLY B 171 6.48 12.24 -11.95
CA GLY B 171 7.45 11.98 -13.01
C GLY B 171 6.91 11.22 -14.23
N GLY B 172 6.37 10.03 -13.98
CA GLY B 172 5.78 9.17 -14.99
C GLY B 172 4.97 8.07 -14.33
N THR B 173 4.81 6.93 -15.01
CA THR B 173 3.94 5.90 -14.46
C THR B 173 4.71 4.97 -13.56
N SER B 174 4.00 4.39 -12.61
CA SER B 174 4.56 3.48 -11.63
C SER B 174 3.89 2.12 -11.79
N ARG B 175 4.69 1.06 -11.83
CA ARG B 175 4.18 -0.28 -12.06
C ARG B 175 4.31 -1.13 -10.79
N GLU B 176 3.21 -1.70 -10.33
CA GLU B 176 3.22 -2.67 -9.23
C GLU B 176 2.47 -3.93 -9.64
N GLN B 177 2.98 -5.09 -9.22
CA GLN B 177 2.33 -6.37 -9.45
C GLN B 177 1.70 -6.83 -8.14
N GLU B 178 0.39 -7.03 -8.15
CA GLU B 178 -0.39 -7.41 -6.99
C GLU B 178 -1.12 -8.71 -7.27
N ALA B 179 -1.69 -9.27 -6.22
CA ALA B 179 -2.76 -10.24 -6.35
C ALA B 179 -4.06 -9.56 -5.94
N ILE B 180 -5.18 -10.02 -6.52
CA ILE B 180 -6.49 -9.39 -6.31
C ILE B 180 -7.02 -9.75 -4.92
N VAL B 181 -7.71 -8.80 -4.28
CA VAL B 181 -8.03 -8.94 -2.86
C VAL B 181 -9.25 -9.85 -2.65
N ARG B 182 -10.25 -9.78 -3.52
CA ARG B 182 -11.35 -10.74 -3.55
C ARG B 182 -11.48 -11.22 -4.98
N GLU B 183 -11.14 -12.48 -5.22
CA GLU B 183 -11.41 -13.04 -6.53
C GLU B 183 -12.90 -13.08 -6.76
N VAL B 184 -13.31 -12.72 -7.97
CA VAL B 184 -14.70 -12.75 -8.38
C VAL B 184 -14.79 -13.81 -9.46
N GLN B 185 -15.56 -14.87 -9.21
CA GLN B 185 -15.75 -15.87 -10.23
C GLN B 185 -16.76 -15.34 -11.25
N ARG B 186 -16.63 -15.80 -12.50
CA ARG B 186 -17.61 -15.44 -13.52
C ARG B 186 -19.03 -15.75 -13.06
N SER B 187 -19.21 -16.87 -12.36
CA SER B 187 -20.53 -17.31 -11.94
C SER B 187 -21.15 -16.39 -10.90
N GLN B 188 -20.35 -15.56 -10.24
CA GLN B 188 -20.87 -14.58 -9.29
C GLN B 188 -21.12 -13.22 -9.93
N VAL B 189 -20.96 -13.10 -11.25
CA VAL B 189 -21.23 -11.87 -11.97
C VAL B 189 -22.67 -11.97 -12.47
N ILE B 190 -23.60 -11.30 -11.78
CA ILE B 190 -25.02 -11.43 -12.09
C ILE B 190 -25.41 -10.47 -13.20
N MET B 191 -25.94 -11.02 -14.29
CA MET B 191 -26.03 -10.23 -15.49
C MET B 191 -26.95 -10.98 -16.46
N ASN B 192 -27.52 -10.23 -17.39
CA ASN B 192 -28.24 -10.80 -18.51
C ASN B 192 -27.39 -11.89 -19.15
N PRO B 193 -27.84 -13.15 -19.13
CA PRO B 193 -26.96 -14.23 -19.59
C PRO B 193 -26.48 -14.05 -21.02
N LEU B 194 -27.28 -13.40 -21.88
CA LEU B 194 -26.83 -13.20 -23.25
C LEU B 194 -25.81 -12.09 -23.35
N LEU B 195 -26.04 -10.97 -22.64
CA LEU B 195 -25.02 -9.94 -22.54
C LEU B 195 -23.75 -10.51 -21.95
N LYS B 196 -23.90 -11.32 -20.90
CA LYS B 196 -22.76 -11.91 -20.21
C LYS B 196 -22.00 -12.87 -21.13
N LYS B 197 -22.72 -13.72 -21.84
CA LYS B 197 -22.06 -14.69 -22.70
C LYS B 197 -21.34 -13.99 -23.84
N GLU B 198 -21.91 -12.91 -24.36
CA GLU B 198 -21.31 -12.21 -25.49
C GLU B 198 -20.04 -11.45 -25.08
N ILE B 199 -20.01 -10.91 -23.86
CA ILE B 199 -18.81 -10.22 -23.41
C ILE B 199 -17.69 -11.23 -23.11
N TYR B 200 -18.00 -12.27 -22.34
CA TYR B 200 -16.99 -13.29 -22.04
C TYR B 200 -16.55 -14.02 -23.31
N ARG B 201 -17.42 -14.09 -24.32
CA ARG B 201 -17.06 -14.84 -25.51
C ARG B 201 -16.08 -14.07 -26.39
N SER B 202 -16.28 -12.76 -26.52
CA SER B 202 -15.31 -12.00 -27.32
C SER B 202 -13.93 -12.09 -26.70
N ILE B 203 -13.84 -11.99 -25.37
CA ILE B 203 -12.56 -12.09 -24.68
C ILE B 203 -11.95 -13.47 -24.87
N ASP B 204 -12.74 -14.51 -24.61
CA ASP B 204 -12.22 -15.87 -24.74
C ASP B 204 -11.83 -16.19 -26.18
N GLN B 205 -12.61 -15.71 -27.15
CA GLN B 205 -12.31 -15.99 -28.55
C GLN B 205 -11.04 -15.25 -29.00
N PHE B 206 -10.78 -14.07 -28.43
CA PHE B 206 -9.65 -13.26 -28.86
C PHE B 206 -8.31 -13.94 -28.56
N PHE B 207 -8.17 -14.54 -27.38
CA PHE B 207 -6.91 -15.13 -26.93
C PHE B 207 -6.77 -16.61 -27.26
N HIS B 208 -7.85 -17.31 -27.59
CA HIS B 208 -7.67 -18.75 -27.57
C HIS B 208 -8.08 -19.43 -28.87
N SER B 209 -9.19 -19.02 -29.49
CA SER B 209 -9.35 -19.28 -30.91
C SER B 209 -8.18 -18.61 -31.63
N ASP B 210 -7.43 -19.40 -32.40
CA ASP B 210 -6.22 -18.88 -33.03
C ASP B 210 -6.56 -18.20 -34.35
N LYS B 211 -5.83 -17.12 -34.64
CA LYS B 211 -6.37 -16.03 -35.46
C LYS B 211 -5.98 -16.17 -36.93
N SER B 212 -6.59 -17.18 -37.55
CA SER B 212 -6.60 -17.26 -38.99
C SER B 212 -7.26 -16.04 -39.60
N PHE B 213 -8.21 -15.46 -38.86
CA PHE B 213 -8.99 -14.32 -39.38
C PHE B 213 -8.13 -13.06 -39.51
N TYR B 214 -7.57 -12.59 -38.39
CA TYR B 214 -6.80 -11.35 -38.41
C TYR B 214 -5.60 -11.43 -39.35
N GLN B 215 -5.24 -12.63 -39.82
CA GLN B 215 -4.11 -12.83 -40.72
C GLN B 215 -4.53 -12.87 -42.18
N THR B 216 -5.59 -13.61 -42.50
CA THR B 216 -6.00 -13.75 -43.89
C THR B 216 -6.44 -12.42 -44.50
N TYR B 217 -6.95 -11.48 -43.69
CA TYR B 217 -7.53 -10.25 -44.20
C TYR B 217 -6.70 -9.01 -43.86
N ASP B 218 -5.55 -9.18 -43.24
CA ASP B 218 -4.68 -8.07 -42.84
C ASP B 218 -5.43 -7.04 -41.99
N ILE B 219 -6.01 -7.52 -40.91
CA ILE B 219 -6.69 -6.70 -39.90
C ILE B 219 -5.88 -6.75 -38.62
N PRO B 220 -5.54 -5.62 -38.02
CA PRO B 220 -4.78 -5.64 -36.76
C PRO B 220 -5.46 -6.51 -35.69
N TYR B 221 -4.63 -7.28 -34.99
CA TYR B 221 -5.07 -8.17 -33.91
C TYR B 221 -5.29 -7.33 -32.65
N LYS B 222 -6.46 -6.69 -32.57
CA LYS B 222 -6.74 -5.82 -31.45
C LYS B 222 -8.26 -5.62 -31.33
N ARG B 223 -8.69 -5.46 -30.09
CA ARG B 223 -10.11 -5.27 -29.77
C ARG B 223 -10.23 -4.37 -28.54
N GLY B 224 -11.30 -3.60 -28.50
CA GLY B 224 -11.60 -2.79 -27.35
C GLY B 224 -13.09 -2.80 -27.10
N ILE B 225 -13.51 -3.01 -25.87
CA ILE B 225 -14.91 -2.85 -25.53
C ILE B 225 -15.01 -1.86 -24.39
N LEU B 226 -16.15 -1.18 -24.33
CA LEU B 226 -16.39 -0.17 -23.31
C LEU B 226 -17.61 -0.57 -22.52
N LEU B 227 -17.46 -0.61 -21.20
CA LEU B 227 -18.55 -0.89 -20.27
C LEU B 227 -19.03 0.43 -19.68
N TYR B 228 -20.36 0.63 -19.67
CA TYR B 228 -20.94 1.87 -19.19
C TYR B 228 -22.31 1.58 -18.58
N GLY B 229 -22.71 2.42 -17.64
CA GLY B 229 -24.03 2.31 -17.07
C GLY B 229 -24.11 2.99 -15.73
N PRO B 230 -25.29 2.95 -15.13
CA PRO B 230 -25.47 3.50 -13.78
C PRO B 230 -24.56 2.80 -12.77
N PRO B 231 -23.96 3.54 -11.85
CA PRO B 231 -22.95 2.95 -10.95
C PRO B 231 -23.54 1.90 -10.02
N GLY B 232 -22.65 1.01 -9.58
CA GLY B 232 -23.00 -0.03 -8.62
C GLY B 232 -23.63 -1.27 -9.23
N ASN B 233 -23.45 -1.52 -10.53
CA ASN B 233 -24.18 -2.59 -11.18
C ASN B 233 -23.30 -3.58 -11.92
N GLY B 234 -21.98 -3.46 -11.85
CA GLY B 234 -21.15 -4.60 -12.15
C GLY B 234 -20.01 -4.39 -13.11
N LYS B 235 -19.68 -3.14 -13.43
CA LYS B 235 -18.54 -2.88 -14.31
C LYS B 235 -17.25 -3.39 -13.68
N THR B 236 -16.89 -2.86 -12.50
CA THR B 236 -15.72 -3.36 -11.79
C THR B 236 -15.82 -4.85 -11.53
N THR B 237 -17.02 -5.33 -11.16
CA THR B 237 -17.18 -6.74 -10.84
C THR B 237 -16.86 -7.60 -12.05
N LEU B 238 -17.39 -7.22 -13.22
CA LEU B 238 -17.08 -7.95 -14.45
C LEU B 238 -15.59 -7.94 -14.74
N VAL B 239 -14.96 -6.79 -14.55
CA VAL B 239 -13.54 -6.67 -14.82
C VAL B 239 -12.73 -7.58 -13.89
N LYS B 240 -13.01 -7.54 -12.58
CA LYS B 240 -12.34 -8.43 -11.63
C LYS B 240 -12.50 -9.89 -12.01
N SER B 241 -13.69 -10.30 -12.45
CA SER B 241 -13.94 -11.68 -12.84
C SER B 241 -13.08 -12.12 -14.03
N ILE B 242 -12.53 -11.19 -14.80
CA ILE B 242 -11.79 -11.56 -16.01
C ILE B 242 -10.35 -11.86 -15.67
N ALA B 243 -9.80 -11.15 -14.70
CA ALA B 243 -8.45 -11.40 -14.20
C ALA B 243 -8.25 -12.88 -13.87
N GLY B 244 -9.11 -13.45 -13.03
CA GLY B 244 -8.98 -14.86 -12.70
C GLY B 244 -9.01 -15.76 -13.92
N SER B 245 -9.97 -15.53 -14.81
CA SER B 245 -10.51 -16.60 -15.66
C SER B 245 -9.98 -16.65 -17.07
N ILE B 246 -8.86 -16.00 -17.38
CA ILE B 246 -8.27 -16.10 -18.72
C ILE B 246 -6.80 -16.48 -18.57
N ASP B 247 -6.25 -17.06 -19.64
CA ASP B 247 -4.85 -17.49 -19.61
C ASP B 247 -3.99 -16.46 -20.35
N ALA B 248 -3.94 -15.28 -19.77
CA ALA B 248 -3.20 -14.16 -20.33
C ALA B 248 -3.12 -13.12 -19.24
N PRO B 249 -2.09 -12.26 -19.25
CA PRO B 249 -1.97 -11.27 -18.18
C PRO B 249 -3.09 -10.25 -18.23
N VAL B 250 -3.39 -9.70 -17.07
CA VAL B 250 -4.31 -8.58 -16.95
C VAL B 250 -3.57 -7.41 -16.31
N ALA B 251 -3.70 -6.24 -16.93
CA ALA B 251 -3.09 -4.99 -16.48
C ALA B 251 -4.16 -3.92 -16.30
N TYR B 252 -4.04 -3.14 -15.24
CA TYR B 252 -4.92 -2.03 -14.97
C TYR B 252 -4.14 -0.74 -15.13
N TRP B 253 -4.70 0.21 -15.87
CA TRP B 253 -4.12 1.53 -15.97
C TRP B 253 -4.91 2.48 -15.08
N GLN B 254 -4.25 3.03 -14.08
CA GLN B 254 -4.89 3.99 -13.19
C GLN B 254 -4.59 5.40 -13.69
N ILE B 255 -5.60 6.02 -14.31
CA ILE B 255 -5.52 7.41 -14.70
C ILE B 255 -5.56 8.30 -13.46
N THR B 256 -4.68 9.30 -13.43
CA THR B 256 -4.61 10.29 -12.38
C THR B 256 -4.50 11.67 -12.99
N GLU B 257 -4.39 12.69 -12.14
CA GLU B 257 -4.23 14.06 -12.60
C GLU B 257 -2.86 14.27 -13.23
N PHE B 258 -1.92 13.35 -12.96
CA PHE B 258 -0.61 13.35 -13.56
C PHE B 258 -0.56 12.62 -14.89
N THR B 259 -1.70 12.19 -15.42
CA THR B 259 -1.69 11.47 -16.69
C THR B 259 -1.34 12.43 -17.82
N SER B 260 -0.31 12.08 -18.57
CA SER B 260 0.26 12.93 -19.59
C SER B 260 0.56 12.09 -20.82
N SER B 261 0.91 12.78 -21.91
CA SER B 261 1.29 12.07 -23.11
C SER B 261 2.52 11.22 -22.85
N GLU B 262 3.44 11.68 -22.00
CA GLU B 262 4.60 10.87 -21.64
C GLU B 262 4.18 9.59 -20.94
N THR B 263 3.15 9.69 -20.10
CA THR B 263 2.65 8.59 -19.32
C THR B 263 1.84 7.60 -20.17
N ILE B 264 1.06 8.09 -21.15
CA ILE B 264 0.36 7.19 -22.06
C ILE B 264 1.35 6.38 -22.88
N GLU B 265 2.47 6.99 -23.26
CA GLU B 265 3.50 6.27 -24.01
C GLU B 265 4.08 5.13 -23.18
N GLU B 266 4.34 5.38 -21.89
CA GLU B 266 4.96 4.36 -21.04
C GLU B 266 4.02 3.18 -20.81
N VAL B 267 2.72 3.44 -20.63
CA VAL B 267 1.79 2.36 -20.31
C VAL B 267 1.62 1.45 -21.52
N PHE B 268 1.51 2.03 -22.72
CA PHE B 268 1.30 1.20 -23.89
C PHE B 268 2.58 0.48 -24.31
N GLN B 269 3.75 1.08 -24.12
CA GLN B 269 4.97 0.30 -24.35
C GLN B 269 5.05 -0.86 -23.36
N ALA B 270 4.69 -0.61 -22.09
CA ALA B 270 4.66 -1.66 -21.09
C ALA B 270 3.58 -2.70 -21.41
N ALA B 271 2.33 -2.25 -21.63
CA ALA B 271 1.26 -3.19 -21.93
C ALA B 271 1.61 -4.06 -23.13
N ARG B 272 2.22 -3.47 -24.15
CA ARG B 272 2.43 -4.22 -25.38
C ARG B 272 3.54 -5.25 -25.22
N ARG B 273 4.53 -4.96 -24.37
CA ARG B 273 5.49 -5.98 -23.95
C ARG B 273 4.82 -7.15 -23.28
N LEU B 274 3.65 -6.95 -22.66
CA LEU B 274 2.88 -7.99 -22.01
C LEU B 274 1.96 -8.74 -22.96
N ALA B 275 1.86 -8.34 -24.22
CA ALA B 275 0.88 -8.92 -25.13
C ALA B 275 1.24 -10.38 -25.43
N PRO B 276 0.22 -11.23 -25.71
CA PRO B 276 -1.21 -10.91 -25.65
C PRO B 276 -1.72 -10.72 -24.21
N ALA B 277 -2.52 -9.70 -23.97
CA ALA B 277 -2.94 -9.37 -22.61
C ALA B 277 -4.22 -8.54 -22.67
N VAL B 278 -4.80 -8.30 -21.51
CA VAL B 278 -5.94 -7.39 -21.36
C VAL B 278 -5.44 -6.15 -20.65
N LEU B 279 -5.68 -4.99 -21.24
CA LEU B 279 -5.43 -3.72 -20.59
C LEU B 279 -6.77 -3.11 -20.20
N VAL B 280 -6.99 -2.96 -18.89
CA VAL B 280 -8.22 -2.40 -18.33
C VAL B 280 -8.00 -0.93 -17.99
N ILE B 281 -8.90 -0.08 -18.45
CA ILE B 281 -8.83 1.35 -18.18
C ILE B 281 -10.14 1.75 -17.49
N GLU B 282 -10.14 1.74 -16.17
CA GLU B 282 -11.30 2.17 -15.42
C GLU B 282 -11.47 3.68 -15.46
N ASP B 283 -12.72 4.13 -15.53
CA ASP B 283 -13.09 5.55 -15.51
C ASP B 283 -12.38 6.32 -16.63
N ILE B 284 -12.52 5.83 -17.85
CA ILE B 284 -11.85 6.43 -19.00
C ILE B 284 -12.36 7.84 -19.28
N ASP B 285 -13.50 8.21 -18.69
CA ASP B 285 -14.01 9.58 -18.81
C ASP B 285 -13.12 10.57 -18.07
N SER B 286 -12.35 10.12 -17.10
CA SER B 286 -11.56 11.02 -16.30
C SER B 286 -10.20 11.30 -16.92
N MET B 287 -10.00 10.90 -18.16
CA MET B 287 -8.75 11.21 -18.83
C MET B 287 -8.69 12.69 -19.16
N PRO B 288 -7.60 13.38 -18.84
CA PRO B 288 -7.53 14.84 -19.06
C PRO B 288 -7.68 15.20 -20.53
N GLU B 289 -8.26 16.38 -20.76
CA GLU B 289 -8.55 16.81 -22.13
C GLU B 289 -7.28 16.96 -22.96
N ASP B 290 -6.22 17.55 -22.40
CA ASP B 290 -5.05 17.83 -23.21
C ASP B 290 -4.26 16.58 -23.62
N VAL B 291 -4.71 15.37 -23.27
CA VAL B 291 -4.07 14.15 -23.74
C VAL B 291 -5.02 13.25 -24.50
N ARG B 292 -6.29 13.63 -24.66
CA ARG B 292 -7.22 12.75 -25.37
C ARG B 292 -6.77 12.53 -26.82
N SER B 293 -6.32 13.61 -27.48
CA SER B 293 -5.85 13.48 -28.85
C SER B 293 -4.70 12.48 -28.93
N PHE B 294 -3.70 12.66 -28.05
CA PHE B 294 -2.54 11.79 -28.09
C PHE B 294 -2.93 10.35 -27.83
N PHE B 295 -3.88 10.14 -26.90
CA PHE B 295 -4.30 8.79 -26.58
C PHE B 295 -4.93 8.10 -27.79
N LEU B 296 -5.77 8.81 -28.54
CA LEU B 296 -6.32 8.25 -29.77
C LEU B 296 -5.22 7.91 -30.77
N ASN B 297 -4.21 8.77 -30.91
CA ASN B 297 -3.09 8.47 -31.80
C ASN B 297 -2.30 7.27 -31.30
N THR B 298 -2.27 7.05 -29.99
CA THR B 298 -1.55 5.90 -29.44
C THR B 298 -2.33 4.60 -29.67
N LEU B 299 -3.66 4.64 -29.60
CA LEU B 299 -4.43 3.43 -29.93
C LEU B 299 -4.23 3.04 -31.39
N ASP B 300 -4.23 4.03 -32.28
CA ASP B 300 -4.08 3.75 -33.69
C ASP B 300 -2.67 3.31 -34.06
N GLY B 301 -1.69 3.51 -33.18
CA GLY B 301 -0.38 2.88 -33.33
C GLY B 301 -0.48 1.37 -33.30
N ALA B 302 -1.41 0.84 -34.10
CA ALA B 302 -1.86 -0.54 -34.04
C ALA B 302 -0.78 -1.54 -34.46
N THR B 303 0.10 -1.12 -35.39
CA THR B 303 1.17 -2.00 -35.85
C THR B 303 1.90 -2.63 -34.67
N SER B 304 2.20 -1.82 -33.64
CA SER B 304 2.89 -2.30 -32.47
C SER B 304 1.97 -3.07 -31.52
N LYS B 305 0.68 -2.70 -31.47
CA LYS B 305 -0.22 -3.26 -30.46
C LYS B 305 -0.25 -4.78 -30.52
N GLU B 306 -0.72 -5.33 -31.64
CA GLU B 306 -0.61 -6.76 -31.91
C GLU B 306 -0.89 -7.58 -30.65
N GLY B 307 -2.14 -7.60 -30.19
CA GLY B 307 -2.53 -8.51 -29.13
C GLY B 307 -2.95 -7.89 -27.80
N LEU B 308 -3.60 -6.72 -27.84
CA LEU B 308 -4.11 -6.09 -26.65
C LEU B 308 -5.62 -6.07 -26.73
N PHE B 309 -6.27 -6.57 -25.70
CA PHE B 309 -7.70 -6.41 -25.51
C PHE B 309 -7.93 -5.27 -24.51
N LEU B 310 -8.62 -4.21 -24.95
CA LEU B 310 -8.89 -3.06 -24.10
C LEU B 310 -10.29 -3.16 -23.51
N ILE B 311 -10.40 -2.93 -22.21
CA ILE B 311 -11.67 -2.80 -21.54
C ILE B 311 -11.69 -1.46 -20.83
N GLY B 312 -12.48 -0.53 -21.33
CA GLY B 312 -12.70 0.73 -20.66
C GLY B 312 -14.00 0.69 -19.89
N THR B 313 -14.10 1.59 -18.93
CA THR B 313 -15.18 1.57 -17.96
C THR B 313 -15.57 3.00 -17.68
N THR B 314 -16.88 3.28 -17.65
CA THR B 314 -17.29 4.64 -17.32
C THR B 314 -18.67 4.66 -16.70
N ASN B 315 -18.82 5.50 -15.68
CA ASN B 315 -20.11 5.85 -15.13
C ASN B 315 -20.67 7.12 -15.77
N TYR B 316 -19.86 7.79 -16.57
CA TYR B 316 -20.21 9.07 -17.18
C TYR B 316 -19.95 8.99 -18.67
N PRO B 317 -20.75 8.22 -19.42
CA PRO B 317 -20.48 8.06 -20.85
C PRO B 317 -20.56 9.36 -21.63
N GLU B 318 -21.38 10.31 -21.18
CA GLU B 318 -21.44 11.63 -21.80
C GLU B 318 -20.06 12.27 -21.88
N GLU B 319 -19.20 12.02 -20.88
CA GLU B 319 -17.89 12.66 -20.78
C GLU B 319 -16.77 11.85 -21.44
N ILE B 320 -17.11 10.78 -22.16
CA ILE B 320 -16.15 10.01 -22.97
C ILE B 320 -15.77 10.79 -24.23
N ASP B 321 -14.49 10.77 -24.58
CA ASP B 321 -14.11 11.18 -25.91
C ASP B 321 -14.93 10.41 -26.96
N PRO B 322 -15.77 11.09 -27.75
CA PRO B 322 -16.53 10.38 -28.80
C PRO B 322 -15.65 9.67 -29.81
N GLY B 323 -14.42 10.16 -30.00
CA GLY B 323 -13.49 9.50 -30.90
C GLY B 323 -13.16 8.09 -30.50
N LEU B 324 -13.31 7.76 -29.21
CA LEU B 324 -13.08 6.41 -28.74
C LEU B 324 -14.00 5.41 -29.40
N MET B 325 -15.15 5.84 -29.91
CA MET B 325 -16.25 4.94 -30.14
C MET B 325 -16.35 4.51 -31.61
N ASN B 326 -16.83 3.27 -31.79
CA ASN B 326 -17.22 2.71 -33.08
C ASN B 326 -16.13 2.89 -34.14
N ARG B 327 -14.87 2.74 -33.73
CA ARG B 327 -13.77 2.47 -34.65
C ARG B 327 -13.23 1.09 -34.34
N ALA B 328 -13.12 0.23 -35.34
CA ALA B 328 -12.21 -0.89 -35.19
C ALA B 328 -10.80 -0.35 -35.01
N GLY B 329 -10.07 -0.93 -34.06
CA GLY B 329 -8.81 -0.39 -33.64
C GLY B 329 -8.88 0.42 -32.38
N ARG B 330 -10.09 0.66 -31.85
CA ARG B 330 -10.26 1.32 -30.57
C ARG B 330 -11.69 1.30 -30.07
N PHE B 331 -12.08 0.27 -29.30
CA PHE B 331 -13.44 0.19 -28.76
C PHE B 331 -14.51 0.01 -29.84
N ASP B 332 -14.62 -1.21 -30.38
CA ASP B 332 -15.59 -1.48 -31.43
C ASP B 332 -16.99 -1.73 -30.91
N ARG B 333 -17.16 -2.13 -29.65
CA ARG B 333 -18.48 -2.39 -29.11
C ARG B 333 -18.60 -1.79 -27.72
N ALA B 334 -19.78 -1.26 -27.40
CA ALA B 334 -20.09 -0.74 -26.08
C ALA B 334 -21.28 -1.52 -25.51
N TYR B 335 -21.23 -1.79 -24.21
CA TYR B 335 -22.24 -2.61 -23.54
C TYR B 335 -22.76 -1.86 -22.33
N GLU B 336 -24.07 -1.75 -22.22
CA GLU B 336 -24.69 -1.06 -21.12
C GLU B 336 -24.93 -2.03 -19.97
N ILE B 337 -24.47 -1.68 -18.78
CA ILE B 337 -24.67 -2.50 -17.59
C ILE B 337 -25.74 -1.82 -16.75
N GLY B 338 -26.98 -2.32 -16.85
CA GLY B 338 -28.13 -1.66 -16.28
C GLY B 338 -28.54 -2.20 -14.90
N LEU B 339 -29.56 -1.58 -14.34
CA LEU B 339 -30.08 -2.03 -13.06
C LEU B 339 -30.71 -3.41 -13.22
N PRO B 340 -30.68 -4.25 -12.19
CA PRO B 340 -31.27 -5.59 -12.31
C PRO B 340 -32.79 -5.57 -12.29
N ASP B 341 -33.39 -6.38 -13.15
CA ASP B 341 -34.83 -6.63 -12.99
C ASP B 341 -35.04 -7.57 -11.81
N GLU B 342 -36.29 -7.97 -11.58
CA GLU B 342 -36.60 -8.80 -10.41
C GLU B 342 -35.86 -10.13 -10.47
N GLU B 343 -35.91 -10.78 -11.62
CA GLU B 343 -35.32 -12.11 -11.74
C GLU B 343 -33.84 -12.07 -11.38
N LEU B 344 -33.12 -11.06 -11.89
CA LEU B 344 -31.71 -10.88 -11.56
C LEU B 344 -31.51 -10.49 -10.10
N ARG B 345 -32.35 -9.62 -9.57
CA ARG B 345 -32.27 -9.28 -8.15
C ARG B 345 -32.41 -10.53 -7.28
N LEU B 346 -33.27 -11.45 -7.69
CA LEU B 346 -33.48 -12.65 -6.92
C LEU B 346 -32.30 -13.60 -7.07
N GLU B 347 -31.75 -13.68 -8.27
CA GLU B 347 -30.55 -14.48 -8.49
C GLU B 347 -29.40 -13.99 -7.63
N TYR B 348 -29.22 -12.66 -7.57
CA TYR B 348 -28.16 -12.07 -6.77
C TYR B 348 -28.32 -12.45 -5.31
N MET B 349 -29.52 -12.27 -4.77
CA MET B 349 -29.72 -12.54 -3.35
C MET B 349 -29.42 -13.99 -3.00
N LYS B 350 -29.64 -14.91 -3.95
CA LYS B 350 -29.38 -16.31 -3.67
C LYS B 350 -27.88 -16.59 -3.61
N MET B 351 -27.13 -16.14 -4.62
CA MET B 351 -25.69 -16.42 -4.60
C MET B 351 -24.99 -15.63 -3.51
N ARG B 352 -25.56 -14.49 -3.12
CA ARG B 352 -24.91 -13.67 -2.11
C ARG B 352 -24.99 -14.28 -0.72
N GLY B 353 -25.95 -15.15 -0.46
CA GLY B 353 -26.10 -15.75 0.84
C GLY B 353 -27.30 -15.30 1.65
N PHE B 354 -28.23 -14.56 1.07
CA PHE B 354 -29.44 -14.20 1.81
C PHE B 354 -30.14 -15.44 2.36
N GLY B 355 -30.02 -16.58 1.65
CA GLY B 355 -30.63 -17.82 2.06
C GLY B 355 -30.18 -18.32 3.42
N ILE B 356 -29.04 -17.82 3.93
CA ILE B 356 -28.56 -18.22 5.25
C ILE B 356 -29.60 -17.87 6.34
N PHE B 357 -30.32 -16.75 6.17
CA PHE B 357 -31.23 -16.30 7.20
C PHE B 357 -32.63 -15.97 6.67
N LEU B 358 -32.91 -16.20 5.40
CA LEU B 358 -34.21 -15.91 4.80
C LEU B 358 -34.76 -17.18 4.18
N SER B 359 -36.07 -17.37 4.30
CA SER B 359 -36.73 -18.49 3.65
C SER B 359 -36.85 -18.22 2.15
N GLU B 360 -37.22 -19.26 1.40
CA GLU B 360 -37.43 -19.04 -0.03
C GLU B 360 -38.51 -18.01 -0.26
N GLY B 361 -39.48 -17.93 0.65
CA GLY B 361 -40.54 -16.95 0.52
C GLY B 361 -40.08 -15.56 0.89
N GLU B 362 -39.30 -15.42 1.96
CA GLU B 362 -38.75 -14.10 2.31
C GLU B 362 -37.81 -13.57 1.22
N ILE B 363 -37.16 -14.45 0.46
CA ILE B 363 -36.30 -13.95 -0.60
C ILE B 363 -37.14 -13.47 -1.78
N LYS B 364 -38.12 -14.28 -2.21
CA LYS B 364 -39.07 -13.85 -3.22
C LYS B 364 -39.67 -12.48 -2.88
N ASN B 365 -40.02 -12.27 -1.61
CA ASN B 365 -40.57 -10.99 -1.17
C ASN B 365 -39.57 -9.87 -1.29
N ALA B 366 -38.33 -10.09 -0.84
CA ALA B 366 -37.35 -9.02 -0.86
C ALA B 366 -36.98 -8.61 -2.28
N ALA B 367 -37.00 -9.57 -3.22
CA ALA B 367 -36.66 -9.25 -4.60
C ALA B 367 -37.67 -8.28 -5.24
N LYS B 368 -38.96 -8.36 -4.85
CA LYS B 368 -39.95 -7.40 -5.33
C LYS B 368 -39.94 -6.10 -4.54
N LEU B 369 -39.63 -6.16 -3.24
CA LEU B 369 -39.50 -4.95 -2.43
C LEU B 369 -38.31 -4.08 -2.83
N THR B 370 -37.43 -4.55 -3.72
CA THR B 370 -36.20 -3.84 -4.02
C THR B 370 -36.17 -3.37 -5.46
N GLU B 371 -37.33 -3.30 -6.11
CA GLU B 371 -37.42 -2.72 -7.45
C GLU B 371 -36.68 -1.40 -7.50
N GLY B 372 -35.81 -1.26 -8.50
CA GLY B 372 -35.02 -0.05 -8.64
C GLY B 372 -33.72 -0.03 -7.87
N PHE B 373 -33.42 -1.07 -7.09
CA PHE B 373 -32.15 -1.17 -6.37
C PHE B 373 -31.02 -1.53 -7.32
N SER B 374 -29.84 -1.00 -7.03
CA SER B 374 -28.64 -1.49 -7.69
C SER B 374 -28.14 -2.75 -6.97
N PHE B 375 -27.30 -3.52 -7.67
CA PHE B 375 -26.67 -4.65 -7.00
C PHE B 375 -25.90 -4.18 -5.77
N ALA B 376 -25.15 -3.08 -5.91
CA ALA B 376 -24.37 -2.58 -4.79
C ALA B 376 -25.24 -2.25 -3.58
N GLN B 377 -26.47 -1.82 -3.82
CA GLN B 377 -27.34 -1.57 -2.68
C GLN B 377 -27.89 -2.87 -2.08
N LEU B 378 -28.15 -3.87 -2.93
CA LEU B 378 -28.48 -5.20 -2.42
C LEU B 378 -27.35 -5.74 -1.56
N GLY B 379 -26.10 -5.47 -1.97
CA GLY B 379 -24.96 -5.88 -1.17
C GLY B 379 -24.88 -5.16 0.15
N GLU B 380 -25.29 -3.88 0.19
CA GLU B 380 -25.33 -3.22 1.49
C GLU B 380 -26.52 -3.73 2.30
N LEU B 381 -27.62 -4.06 1.64
CA LEU B 381 -28.71 -4.71 2.34
C LEU B 381 -28.25 -6.03 2.95
N TYR B 382 -27.42 -6.79 2.22
CA TYR B 382 -26.91 -8.05 2.75
C TYR B 382 -26.08 -7.84 4.02
N VAL B 383 -25.07 -6.99 3.94
CA VAL B 383 -24.17 -6.75 5.07
C VAL B 383 -24.97 -6.30 6.30
N SER B 384 -25.99 -5.46 6.09
CA SER B 384 -26.75 -4.92 7.21
C SER B 384 -27.64 -5.98 7.83
N SER B 385 -28.26 -6.80 6.98
CA SER B 385 -29.06 -7.92 7.46
C SER B 385 -28.21 -8.95 8.17
N ALA B 386 -27.06 -9.33 7.57
CA ALA B 386 -26.21 -10.33 8.20
C ALA B 386 -25.74 -9.86 9.57
N LEU B 387 -25.38 -8.57 9.67
CA LEU B 387 -24.98 -8.01 10.97
C LEU B 387 -26.08 -8.19 12.00
N GLN B 388 -27.29 -7.79 11.66
CA GLN B 388 -28.41 -7.88 12.59
C GLN B 388 -28.76 -9.33 12.90
N TRP B 389 -28.70 -10.20 11.88
CA TRP B 389 -28.90 -11.62 12.12
C TRP B 389 -27.85 -12.16 13.08
N HIS B 390 -26.57 -11.97 12.76
CA HIS B 390 -25.49 -12.44 13.61
C HIS B 390 -25.60 -11.91 15.05
N GLN B 391 -25.82 -10.61 15.21
CA GLN B 391 -25.77 -10.02 16.55
C GLN B 391 -27.08 -10.15 17.33
N GLU B 392 -28.22 -10.36 16.67
CA GLU B 392 -29.49 -10.31 17.38
C GLU B 392 -30.49 -11.41 17.05
N GLY B 393 -30.28 -12.24 16.04
CA GLY B 393 -31.20 -13.31 15.77
C GLY B 393 -32.42 -12.94 14.96
N ASN B 394 -32.64 -11.66 14.72
CA ASN B 394 -33.67 -11.15 13.82
C ASN B 394 -32.98 -10.70 12.55
N HIS B 395 -33.76 -10.38 11.50
CA HIS B 395 -33.08 -9.80 10.35
C HIS B 395 -33.63 -8.43 9.94
N HIS B 396 -34.93 -8.19 10.14
CA HIS B 396 -35.58 -6.90 9.84
C HIS B 396 -35.43 -6.50 8.38
N ILE B 397 -35.58 -7.48 7.49
CA ILE B 397 -35.31 -7.24 6.07
C ILE B 397 -36.19 -6.12 5.53
N GLU B 398 -37.44 -6.01 6.02
CA GLU B 398 -38.37 -5.06 5.44
C GLU B 398 -38.16 -3.65 6.00
N THR B 399 -37.94 -3.51 7.32
CA THR B 399 -37.54 -2.23 7.88
C THR B 399 -36.30 -1.68 7.17
N MET B 400 -35.36 -2.56 6.83
CA MET B 400 -34.11 -2.11 6.24
C MET B 400 -34.30 -1.63 4.81
N VAL B 401 -35.18 -2.28 4.05
CA VAL B 401 -35.45 -1.81 2.70
C VAL B 401 -35.95 -0.37 2.74
N LYS B 402 -36.90 -0.07 3.64
CA LYS B 402 -37.32 1.32 3.83
C LYS B 402 -36.15 2.21 4.25
N ASP B 403 -35.40 1.79 5.28
CA ASP B 403 -34.30 2.60 5.78
C ASP B 403 -33.32 3.01 4.68
N MET B 404 -33.22 2.21 3.61
CA MET B 404 -32.28 2.48 2.54
C MET B 404 -32.90 3.31 1.41
N THR B 405 -34.19 3.14 1.13
CA THR B 405 -34.85 4.10 0.25
C THR B 405 -34.90 5.48 0.91
N GLY B 406 -34.97 5.53 2.25
CA GLY B 406 -34.82 6.76 2.98
C GLY B 406 -33.41 7.34 2.95
#